data_6L6N
#
_entry.id   6L6N
#
_cell.length_a   83.650
_cell.length_b   142.710
_cell.length_c   221.960
_cell.angle_alpha   90.000
_cell.angle_beta   90.000
_cell.angle_gamma   90.000
#
_symmetry.space_group_name_H-M   'P 21 21 21'
#
loop_
_entity.id
_entity.type
_entity.pdbx_description
1 polymer 'Acid-sensing ion channel 1'
2 non-polymer 2-acetamido-2-deoxy-alpha-D-glucopyranose
3 non-polymer 2-acetamido-2-deoxy-beta-D-glucopyranose
4 non-polymer 'CHLORIDE ION'
5 non-polymer 1,2-ETHANEDIOL
6 water water
#
_entity_poly.entity_id   1
_entity_poly.type   'polypeptide(L)'
_entity_poly.pdbx_seq_one_letter_code
;GSGGSGLEVLFQGPSTLHGLAHIFSYERLSLKRALWALCFLGSLAVLLCVCTERVQYYFHYHHVTKLDEVAASQLTFPAV
TLCNLNEFRFSQVSKNDLYHAGELLALLNNRYEIPDTQMADEKQLEILQDKANFRSFKPKPFNMREFYDRAGHDIRDMLL
SCHFRGEVCSAEDFKVVFTRYGKCYTFNSGRDGRPRLKTMKGGTGNGLEIMLDIQQDEYLPVWGETDETSFEAGIKVQIH
SQDEPPFIDQLGFGVAPGFQTFVACQEQRLIYLPPPWGTCKAVTMDSDLDFFDSYSITACRIDCETRYLVENCNCRMVHM
PGDAPYCTPEQYKECADPALDFLVEKDQEYCVCEMPCNLTRYGKELSMVKIPSKASAKYLAKKFNKSEQYIGENILVLDI
FFEVLNYETIEQKKAYEIAGLLGDIGGQMGLFIGASILTVLELFDYAYEVIKHK
;
_entity_poly.pdbx_strand_id   A,B,C
#
# COMPACT_ATOMS: atom_id res chain seq x y z
N LEU A 35 -46.58 -11.20 -52.28
CA LEU A 35 -46.08 -12.61 -51.92
C LEU A 35 -44.56 -12.76 -52.12
N TRP A 36 -44.12 -12.98 -53.38
CA TRP A 36 -42.70 -12.84 -53.85
C TRP A 36 -42.24 -11.37 -53.70
N ALA A 37 -43.20 -10.40 -53.76
CA ALA A 37 -43.08 -8.96 -53.40
C ALA A 37 -43.38 -8.73 -51.90
N LEU A 38 -44.00 -9.68 -51.20
CA LEU A 38 -44.29 -9.67 -49.72
C LEU A 38 -43.12 -10.26 -48.94
N CYS A 39 -42.35 -11.19 -49.55
CA CYS A 39 -41.09 -11.74 -48.97
C CYS A 39 -40.06 -10.60 -49.03
N PHE A 40 -40.33 -9.62 -49.90
CA PHE A 40 -39.64 -8.31 -50.04
C PHE A 40 -40.14 -7.31 -48.98
N LEU A 41 -41.42 -7.34 -48.58
CA LEU A 41 -42.03 -6.33 -47.65
C LEU A 41 -41.58 -6.61 -46.20
N GLY A 42 -41.38 -7.90 -45.85
CA GLY A 42 -40.80 -8.35 -44.58
C GLY A 42 -39.28 -8.16 -44.51
N SER A 43 -38.62 -8.01 -45.67
CA SER A 43 -37.21 -7.60 -45.85
C SER A 43 -37.00 -6.09 -45.64
N LEU A 44 -37.99 -5.24 -45.97
CA LEU A 44 -37.86 -3.78 -45.82
C LEU A 44 -38.17 -3.36 -44.39
N ALA A 45 -39.14 -4.04 -43.77
CA ALA A 45 -39.59 -3.76 -42.38
C ALA A 45 -38.44 -4.06 -41.40
N VAL A 46 -37.57 -5.03 -41.72
CA VAL A 46 -36.45 -5.51 -40.85
C VAL A 46 -35.26 -4.54 -40.93
N LEU A 47 -34.89 -4.03 -42.11
CA LEU A 47 -33.74 -3.10 -42.22
C LEU A 47 -34.11 -1.74 -41.62
N LEU A 48 -35.31 -1.17 -41.86
CA LEU A 48 -35.68 0.18 -41.35
C LEU A 48 -35.84 0.16 -39.82
N CYS A 49 -36.21 -1.00 -39.24
CA CYS A 49 -36.40 -1.16 -37.77
C CYS A 49 -35.04 -1.37 -37.09
N VAL A 50 -34.19 -2.24 -37.63
CA VAL A 50 -32.81 -2.53 -37.12
C VAL A 50 -31.90 -1.33 -37.38
N CYS A 51 -32.14 -0.55 -38.43
CA CYS A 51 -31.36 0.65 -38.82
C CYS A 51 -31.47 1.73 -37.72
N THR A 52 -32.67 1.90 -37.13
CA THR A 52 -32.93 2.95 -36.09
C THR A 52 -32.60 2.40 -34.69
N GLU A 53 -32.32 1.10 -34.54
CA GLU A 53 -31.81 0.47 -33.29
C GLU A 53 -30.28 0.59 -33.23
N ARG A 54 -29.60 0.60 -34.38
CA ARG A 54 -28.13 0.86 -34.50
C ARG A 54 -27.86 2.37 -34.60
N VAL A 55 -28.90 3.20 -34.52
CA VAL A 55 -28.78 4.69 -34.44
C VAL A 55 -29.13 5.13 -33.01
N GLN A 56 -30.00 4.39 -32.32
CA GLN A 56 -30.33 4.61 -30.89
C GLN A 56 -29.18 4.14 -30.01
N TYR A 57 -28.40 3.16 -30.48
CA TYR A 57 -27.16 2.65 -29.81
C TYR A 57 -26.07 3.71 -29.92
N TYR A 58 -25.83 4.21 -31.13
CA TYR A 58 -24.80 5.24 -31.43
C TYR A 58 -25.07 6.51 -30.62
N PHE A 59 -26.33 6.94 -30.50
CA PHE A 59 -26.71 8.23 -29.88
C PHE A 59 -26.75 8.10 -28.34
N HIS A 60 -26.76 6.88 -27.80
CA HIS A 60 -26.47 6.61 -26.36
C HIS A 60 -24.98 6.89 -26.07
N TYR A 61 -24.13 6.79 -27.10
CA TYR A 61 -22.68 7.16 -27.09
C TYR A 61 -21.94 6.29 -26.07
N HIS A 62 -22.21 4.98 -26.07
CA HIS A 62 -21.51 3.96 -25.26
C HIS A 62 -19.99 4.09 -25.44
N HIS A 63 -19.24 3.62 -24.44
CA HIS A 63 -17.77 3.43 -24.47
C HIS A 63 -17.44 2.02 -23.94
N VAL A 64 -16.23 1.54 -24.21
CA VAL A 64 -15.75 0.24 -23.69
C VAL A 64 -14.32 0.44 -23.17
N THR A 65 -13.96 -0.23 -22.08
CA THR A 65 -12.70 0.00 -21.33
C THR A 65 -11.74 -1.17 -21.56
N LYS A 66 -10.56 -0.91 -22.13
CA LYS A 66 -9.52 -1.95 -22.37
C LYS A 66 -8.46 -1.83 -21.29
N LEU A 67 -8.24 -2.91 -20.56
CA LEU A 67 -7.17 -3.04 -19.55
C LEU A 67 -5.99 -3.75 -20.20
N ASP A 68 -4.77 -3.34 -19.95
CA ASP A 68 -3.62 -4.11 -20.50
C ASP A 68 -2.41 -3.96 -19.58
N GLU A 69 -1.56 -4.99 -19.61
CA GLU A 69 -0.33 -5.14 -18.81
C GLU A 69 0.89 -5.20 -19.74
N VAL A 70 1.28 -4.07 -20.33
CA VAL A 70 2.38 -4.02 -21.34
C VAL A 70 3.74 -4.23 -20.66
N ALA A 71 4.50 -5.24 -21.11
CA ALA A 71 5.89 -5.54 -20.72
C ALA A 71 6.79 -4.48 -21.36
N ALA A 72 7.56 -3.74 -20.55
CA ALA A 72 8.19 -2.47 -20.95
C ALA A 72 9.70 -2.62 -20.84
N SER A 73 10.42 -2.41 -21.93
CA SER A 73 11.91 -2.42 -21.95
C SER A 73 12.44 -1.34 -21.00
N GLN A 74 11.68 -0.26 -20.83
CA GLN A 74 12.15 1.02 -20.27
C GLN A 74 10.94 1.79 -19.75
N LEU A 75 11.12 2.52 -18.65
CA LEU A 75 10.08 3.42 -18.08
C LEU A 75 10.72 4.78 -17.83
N THR A 76 9.96 5.86 -17.99
CA THR A 76 10.40 7.22 -17.58
C THR A 76 10.23 7.31 -16.07
N PHE A 77 11.34 7.55 -15.37
CA PHE A 77 11.31 7.70 -13.89
C PHE A 77 10.57 8.98 -13.59
N PRO A 78 9.70 9.00 -12.57
CA PRO A 78 8.85 10.17 -12.35
C PRO A 78 9.64 11.30 -11.68
N ALA A 79 8.97 12.42 -11.50
CA ALA A 79 9.45 13.55 -10.67
C ALA A 79 9.24 13.16 -9.21
N VAL A 80 10.16 13.56 -8.34
CA VAL A 80 10.02 13.33 -6.88
C VAL A 80 10.21 14.67 -6.23
N THR A 81 9.12 15.31 -5.83
CA THR A 81 9.17 16.59 -5.08
C THR A 81 9.19 16.26 -3.59
N LEU A 82 10.01 16.95 -2.82
CA LEU A 82 10.05 16.70 -1.36
C LEU A 82 10.25 18.01 -0.59
N CYS A 83 9.61 18.09 0.59
CA CYS A 83 9.52 19.28 1.47
C CYS A 83 9.80 18.89 2.91
N ASN A 84 10.66 19.63 3.60
CA ASN A 84 10.78 19.58 5.08
C ASN A 84 9.41 20.03 5.61
N LEU A 85 8.97 19.53 6.75
CA LEU A 85 7.67 19.96 7.33
C LEU A 85 7.82 21.30 8.06
N ASN A 86 9.06 21.64 8.44
CA ASN A 86 9.44 22.95 9.02
C ASN A 86 9.66 23.93 7.86
N GLU A 87 8.97 25.08 7.86
CA GLU A 87 8.99 26.04 6.72
C GLU A 87 10.16 27.04 6.82
N PHE A 88 10.58 27.39 8.03
CA PHE A 88 11.58 28.46 8.26
C PHE A 88 12.62 27.98 9.26
N ARG A 89 13.88 27.99 8.87
CA ARG A 89 14.97 27.64 9.80
C ARG A 89 15.11 28.75 10.82
N PHE A 90 15.15 28.38 12.09
CA PHE A 90 15.20 29.28 13.26
C PHE A 90 16.40 30.24 13.17
N SER A 91 17.55 29.70 12.78
CA SER A 91 18.84 30.43 12.68
C SER A 91 18.82 31.45 11.53
N GLN A 92 17.84 31.43 10.65
CA GLN A 92 17.78 32.38 9.50
C GLN A 92 16.78 33.50 9.81
N VAL A 93 16.07 33.43 10.92
CA VAL A 93 15.00 34.43 11.22
C VAL A 93 15.67 35.63 11.88
N SER A 94 15.76 36.76 11.14
CA SER A 94 16.32 38.06 11.60
C SER A 94 15.28 38.81 12.44
N LYS A 95 15.74 39.78 13.22
CA LYS A 95 14.88 40.78 13.94
C LYS A 95 13.83 41.33 12.96
N ASN A 96 14.25 41.74 11.77
CA ASN A 96 13.30 42.34 10.79
C ASN A 96 12.23 41.31 10.45
N ASP A 97 12.61 40.06 10.19
CA ASP A 97 11.69 38.96 9.81
C ASP A 97 10.68 38.73 10.94
N LEU A 98 11.20 38.59 12.16
CA LEU A 98 10.39 38.33 13.36
C LEU A 98 9.38 39.46 13.51
N TYR A 99 9.82 40.70 13.35
CA TYR A 99 8.94 41.90 13.40
C TYR A 99 7.74 41.75 12.44
N HIS A 100 7.95 41.38 11.18
CA HIS A 100 6.88 41.31 10.16
C HIS A 100 6.07 40.01 10.25
N ALA A 101 6.72 38.87 10.49
CA ALA A 101 6.13 37.52 10.34
C ALA A 101 5.88 36.86 11.70
N GLY A 102 6.50 37.37 12.77
CA GLY A 102 6.40 36.79 14.12
C GLY A 102 4.97 36.48 14.54
N GLU A 103 3.98 37.28 14.15
CA GLU A 103 2.57 37.04 14.56
C GLU A 103 2.04 35.84 13.77
N LEU A 104 2.36 35.80 12.49
CA LEU A 104 1.93 34.72 11.56
C LEU A 104 2.49 33.36 12.01
N LEU A 105 3.67 33.32 12.63
CA LEU A 105 4.35 32.07 13.09
C LEU A 105 4.15 31.87 14.60
N ALA A 106 3.25 32.65 15.20
CA ALA A 106 2.85 32.55 16.63
C ALA A 106 4.05 32.67 17.58
N LEU A 107 5.13 33.32 17.16
CA LEU A 107 6.26 33.70 18.05
C LEU A 107 5.97 35.03 18.75
N LEU A 108 5.08 35.84 18.17
CA LEU A 108 4.65 37.15 18.75
C LEU A 108 3.13 37.18 18.84
N ASN A 109 2.56 38.00 19.74
CA ASN A 109 1.12 38.37 19.71
C ASN A 109 0.94 39.60 18.81
N ASN A 110 -0.25 40.20 18.79
CA ASN A 110 -0.58 41.39 17.93
C ASN A 110 0.09 42.66 18.47
N ARG A 111 0.81 42.57 19.59
CA ARG A 111 1.48 43.72 20.25
C ARG A 111 3.01 43.57 20.15
N TYR A 112 3.49 42.88 19.10
CA TYR A 112 4.94 42.63 18.85
C TYR A 112 5.66 42.23 20.16
N GLU A 113 5.02 41.40 20.97
CA GLU A 113 5.61 40.87 22.23
C GLU A 113 5.59 39.34 22.15
N ILE A 114 6.59 38.72 22.75
CA ILE A 114 6.64 37.25 22.98
C ILE A 114 5.54 36.90 23.98
N PRO A 115 4.60 35.98 23.63
CA PRO A 115 3.37 35.82 24.40
C PRO A 115 3.58 35.36 25.84
N ASP A 116 2.58 35.71 26.68
CA ASP A 116 2.38 35.40 28.12
C ASP A 116 2.76 33.96 28.45
N THR A 117 2.14 33.02 27.72
CA THR A 117 2.27 31.54 27.88
C THR A 117 3.72 31.15 27.58
N GLN A 118 4.43 30.62 28.57
CA GLN A 118 5.88 30.28 28.43
C GLN A 118 5.96 28.82 28.02
N MET A 119 5.56 28.59 26.77
CA MET A 119 5.72 27.34 26.01
C MET A 119 7.13 27.29 25.40
N ALA A 120 7.99 28.27 25.71
CA ALA A 120 9.38 28.33 25.20
C ALA A 120 10.27 27.42 26.04
N ASP A 121 11.28 26.83 25.42
CA ASP A 121 12.46 26.23 26.11
C ASP A 121 13.27 27.39 26.70
N GLU A 122 13.97 27.17 27.81
CA GLU A 122 14.78 28.23 28.49
C GLU A 122 15.87 28.75 27.54
N LYS A 123 16.67 27.86 26.95
CA LYS A 123 17.87 28.20 26.10
C LYS A 123 17.41 28.86 24.79
N GLN A 124 16.25 28.45 24.29
CA GLN A 124 15.63 28.91 23.02
C GLN A 124 15.15 30.36 23.21
N LEU A 125 14.46 30.60 24.32
CA LEU A 125 13.88 31.92 24.70
C LEU A 125 14.98 32.98 24.75
N GLU A 126 16.21 32.62 25.14
CA GLU A 126 17.36 33.56 25.23
C GLU A 126 17.66 34.17 23.85
N ILE A 127 17.88 33.33 22.83
CA ILE A 127 18.20 33.79 21.45
C ILE A 127 17.12 34.79 20.98
N LEU A 128 15.87 34.55 21.39
CA LEU A 128 14.66 35.24 20.90
C LEU A 128 14.40 36.55 21.68
N GLN A 129 14.60 36.59 23.00
CA GLN A 129 14.49 37.87 23.78
C GLN A 129 15.23 38.98 23.03
N ASP A 130 16.48 38.70 22.64
CA ASP A 130 17.33 39.58 21.78
C ASP A 130 16.54 39.97 20.53
N LYS A 131 16.37 39.04 19.59
CA LYS A 131 15.76 39.31 18.26
C LYS A 131 14.39 40.00 18.43
N ALA A 132 13.68 39.76 19.53
CA ALA A 132 12.30 40.24 19.74
C ALA A 132 12.26 41.59 20.44
N ASN A 133 13.43 42.14 20.77
CA ASN A 133 13.62 43.51 21.33
C ASN A 133 13.45 44.55 20.20
N PHE A 134 12.35 45.30 20.24
CA PHE A 134 11.93 46.20 19.14
C PHE A 134 11.96 47.67 19.59
N ARG A 135 12.56 47.93 20.76
CA ARG A 135 12.80 49.32 21.25
C ARG A 135 13.86 49.95 20.34
N SER A 136 13.54 51.09 19.74
CA SER A 136 14.43 51.89 18.86
C SER A 136 14.40 51.35 17.42
N PHE A 137 13.84 50.15 17.19
CA PHE A 137 13.98 49.42 15.91
C PHE A 137 13.05 50.03 14.85
N LYS A 138 13.60 50.35 13.69
CA LYS A 138 12.84 50.83 12.50
C LYS A 138 12.73 49.68 11.51
N PRO A 139 11.50 49.20 11.24
CA PRO A 139 11.25 48.21 10.19
C PRO A 139 11.98 48.52 8.88
N LYS A 140 12.68 47.54 8.32
CA LYS A 140 13.31 47.58 6.97
C LYS A 140 12.40 46.80 6.03
N PRO A 141 12.54 46.97 4.70
CA PRO A 141 11.54 46.43 3.77
C PRO A 141 11.63 44.90 3.79
N PHE A 142 10.51 44.21 3.55
CA PHE A 142 10.32 42.76 3.82
C PHE A 142 9.45 42.14 2.71
N ASN A 143 9.74 40.89 2.39
CA ASN A 143 9.09 40.18 1.25
C ASN A 143 8.84 38.73 1.62
N MET A 144 7.61 38.22 1.63
CA MET A 144 7.35 36.82 2.04
C MET A 144 8.19 35.88 1.15
N ARG A 145 8.21 36.13 -0.16
CA ARG A 145 8.92 35.27 -1.14
C ARG A 145 10.41 35.22 -0.76
N GLU A 146 11.03 36.36 -0.50
CA GLU A 146 12.45 36.41 -0.12
C GLU A 146 12.63 35.57 1.15
N PHE A 147 11.78 35.75 2.15
CA PHE A 147 11.91 35.13 3.50
C PHE A 147 11.92 33.60 3.32
N TYR A 148 10.90 33.11 2.60
CA TYR A 148 10.76 31.68 2.27
C TYR A 148 12.08 31.23 1.62
N ASP A 149 12.52 31.91 0.58
CA ASP A 149 13.77 31.55 -0.14
C ASP A 149 14.98 31.56 0.81
N ARG A 150 15.10 32.54 1.71
CA ARG A 150 16.31 32.69 2.54
C ARG A 150 16.25 31.71 3.72
N ALA A 151 15.07 31.53 4.33
CA ALA A 151 14.96 30.83 5.63
C ALA A 151 14.56 29.36 5.41
N GLY A 152 13.99 29.05 4.24
CA GLY A 152 13.66 27.65 3.87
C GLY A 152 14.89 26.78 4.05
N HIS A 153 14.70 25.49 4.39
CA HIS A 153 15.80 24.50 4.48
C HIS A 153 16.51 24.45 3.13
N ASP A 154 17.85 24.32 3.16
CA ASP A 154 18.68 24.29 1.94
C ASP A 154 18.89 22.82 1.55
N ILE A 155 18.51 22.42 0.34
CA ILE A 155 18.73 21.01 -0.10
C ILE A 155 20.21 20.69 0.05
N ARG A 156 21.08 21.68 -0.15
CA ARG A 156 22.56 21.50 -0.08
C ARG A 156 22.93 21.04 1.34
N ASP A 157 22.25 21.50 2.39
CA ASP A 157 22.53 21.11 3.80
C ASP A 157 21.76 19.84 4.19
N MET A 158 20.59 19.62 3.59
CA MET A 158 19.71 18.50 4.00
C MET A 158 20.24 17.21 3.37
N LEU A 159 20.70 17.30 2.12
CA LEU A 159 21.00 16.11 1.30
C LEU A 159 22.38 15.58 1.63
N LEU A 160 22.46 14.66 2.60
CA LEU A 160 23.71 13.98 3.01
C LEU A 160 24.26 13.04 1.93
N SER A 161 23.42 12.48 1.05
CA SER A 161 23.86 11.48 0.05
C SER A 161 22.72 11.17 -0.93
N CYS A 162 23.06 10.85 -2.16
CA CYS A 162 22.06 10.70 -3.22
C CYS A 162 22.68 9.92 -4.39
N HIS A 163 21.97 8.88 -4.84
CA HIS A 163 22.36 7.96 -5.94
C HIS A 163 21.14 7.62 -6.78
N PHE A 164 21.35 7.50 -8.07
CA PHE A 164 20.32 7.03 -9.01
C PHE A 164 20.99 6.04 -9.96
N ARG A 165 20.46 4.81 -10.05
CA ARG A 165 21.05 3.69 -10.81
C ARG A 165 22.56 3.71 -10.61
N GLY A 166 23.00 3.86 -9.36
CA GLY A 166 24.42 3.71 -9.00
C GLY A 166 25.27 4.93 -9.36
N GLU A 167 24.81 5.82 -10.24
CA GLU A 167 25.44 7.16 -10.47
C GLU A 167 25.21 8.02 -9.22
N VAL A 168 26.20 8.78 -8.79
CA VAL A 168 26.07 9.85 -7.76
C VAL A 168 25.31 11.05 -8.33
N CYS A 169 24.46 11.67 -7.52
CA CYS A 169 23.91 13.03 -7.78
C CYS A 169 24.07 13.90 -6.53
N SER A 170 24.05 15.22 -6.74
CA SER A 170 24.32 16.26 -5.73
C SER A 170 23.11 17.19 -5.66
N ALA A 171 23.22 18.27 -4.88
CA ALA A 171 22.18 19.32 -4.76
C ALA A 171 21.82 19.94 -6.13
N GLU A 172 22.72 19.86 -7.11
CA GLU A 172 22.57 20.41 -8.49
C GLU A 172 21.45 19.67 -9.24
N ASP A 173 21.09 18.47 -8.79
CA ASP A 173 20.17 17.56 -9.53
C ASP A 173 18.72 17.84 -9.09
N PHE A 174 18.54 18.70 -8.09
CA PHE A 174 17.24 19.05 -7.47
C PHE A 174 16.91 20.53 -7.76
N LYS A 175 15.86 20.79 -8.53
CA LYS A 175 15.39 22.14 -8.89
C LYS A 175 14.44 22.66 -7.80
N VAL A 176 14.58 23.93 -7.40
CA VAL A 176 13.74 24.56 -6.34
C VAL A 176 12.33 24.80 -6.89
N VAL A 177 11.33 24.56 -6.05
CA VAL A 177 9.89 24.76 -6.36
C VAL A 177 9.22 25.23 -5.06
N PHE A 178 8.34 26.21 -5.14
CA PHE A 178 7.63 26.76 -3.95
C PHE A 178 6.25 26.11 -3.89
N THR A 179 5.88 25.68 -2.70
CA THR A 179 4.62 24.98 -2.38
C THR A 179 4.10 25.60 -1.09
N ARG A 180 2.94 25.20 -0.61
CA ARG A 180 2.40 25.74 0.66
C ARG A 180 3.39 25.51 1.79
N TYR A 181 4.20 24.43 1.76
CA TYR A 181 5.22 24.14 2.80
C TYR A 181 6.41 25.11 2.64
N GLY A 182 6.58 25.68 1.47
CA GLY A 182 7.60 26.71 1.22
C GLY A 182 8.63 26.28 0.19
N LYS A 183 9.90 26.38 0.54
CA LYS A 183 11.00 26.09 -0.41
C LYS A 183 11.17 24.58 -0.46
N CYS A 184 10.70 23.96 -1.53
CA CYS A 184 10.76 22.50 -1.73
C CYS A 184 11.64 22.20 -2.92
N TYR A 185 11.83 20.93 -3.25
CA TYR A 185 12.79 20.50 -4.28
C TYR A 185 12.19 19.36 -5.09
N THR A 186 12.44 19.38 -6.40
CA THR A 186 12.01 18.31 -7.32
C THR A 186 13.24 17.67 -7.97
N PHE A 187 13.38 16.36 -7.77
CA PHE A 187 14.35 15.51 -8.49
C PHE A 187 13.72 15.05 -9.80
N ASN A 188 14.51 15.00 -10.88
CA ASN A 188 14.04 14.52 -12.21
C ASN A 188 12.83 15.35 -12.65
N SER A 189 12.92 16.67 -12.45
CA SER A 189 11.90 17.71 -12.77
C SER A 189 11.51 17.69 -14.24
N GLY A 190 12.49 17.47 -15.12
CA GLY A 190 12.32 17.61 -16.59
C GLY A 190 12.44 19.07 -17.01
N ARG A 191 12.36 19.99 -16.05
CA ARG A 191 12.52 21.46 -16.20
C ARG A 191 14.01 21.74 -16.50
N ASP A 192 14.32 22.94 -17.00
CA ASP A 192 15.67 23.43 -17.43
C ASP A 192 16.22 22.54 -18.57
N GLY A 193 15.34 22.05 -19.46
CA GLY A 193 15.69 21.26 -20.66
C GLY A 193 16.49 19.99 -20.37
N ARG A 194 16.88 19.71 -19.12
CA ARG A 194 17.59 18.47 -18.71
C ARG A 194 16.71 17.28 -19.04
N PRO A 195 17.28 16.14 -19.47
CA PRO A 195 16.47 15.04 -20.00
C PRO A 195 15.90 14.20 -18.85
N ARG A 196 14.70 13.65 -19.04
CA ARG A 196 14.00 12.82 -18.03
C ARG A 196 14.73 11.48 -17.88
N LEU A 197 15.22 11.19 -16.67
CA LEU A 197 15.90 9.91 -16.30
C LEU A 197 14.96 8.74 -16.56
N LYS A 198 15.55 7.56 -16.85
CA LYS A 198 14.78 6.34 -17.20
C LYS A 198 15.23 5.16 -16.33
N THR A 199 14.28 4.27 -16.02
CA THR A 199 14.50 3.01 -15.28
C THR A 199 14.52 1.90 -16.32
N MET A 200 15.56 1.06 -16.33
CA MET A 200 15.66 -0.03 -17.32
C MET A 200 15.56 -1.40 -16.65
N LYS A 201 15.66 -1.50 -15.31
CA LYS A 201 15.39 -2.76 -14.57
C LYS A 201 14.53 -2.51 -13.32
N GLY A 202 13.86 -3.55 -12.85
CA GLY A 202 13.12 -3.55 -11.59
C GLY A 202 14.06 -3.62 -10.39
N GLY A 203 13.53 -3.28 -9.21
CA GLY A 203 14.25 -3.39 -7.92
C GLY A 203 14.89 -2.07 -7.50
N THR A 204 15.39 -2.04 -6.26
CA THR A 204 15.86 -0.84 -5.55
C THR A 204 17.11 -0.31 -6.27
N GLY A 205 17.95 -1.22 -6.77
CA GLY A 205 19.22 -0.89 -7.43
C GLY A 205 19.04 0.04 -8.64
N ASN A 206 17.86 0.09 -9.27
CA ASN A 206 17.62 0.92 -10.48
C ASN A 206 16.69 2.09 -10.14
N GLY A 207 16.85 2.64 -8.96
CA GLY A 207 15.99 3.74 -8.47
C GLY A 207 16.78 4.79 -7.74
N LEU A 208 16.05 5.68 -7.07
CA LEU A 208 16.60 6.79 -6.26
C LEU A 208 16.89 6.25 -4.86
N GLU A 209 18.00 6.65 -4.27
CA GLU A 209 18.24 6.45 -2.81
C GLU A 209 18.87 7.73 -2.26
N ILE A 210 18.15 8.45 -1.39
CA ILE A 210 18.70 9.69 -0.77
C ILE A 210 18.68 9.55 0.74
N MET A 211 19.78 9.95 1.39
CA MET A 211 19.89 10.15 2.84
C MET A 211 19.66 11.65 3.13
N LEU A 212 18.72 12.01 4.00
CA LEU A 212 18.50 13.41 4.43
C LEU A 212 18.78 13.55 5.92
N ASP A 213 19.10 14.78 6.30
CA ASP A 213 19.09 15.30 7.69
C ASP A 213 17.98 16.35 7.69
N ILE A 214 16.88 16.11 8.43
CA ILE A 214 15.69 17.02 8.40
C ILE A 214 15.98 18.26 9.26
N GLN A 215 17.05 18.24 10.05
CA GLN A 215 17.58 19.41 10.83
C GLN A 215 16.54 19.86 11.88
N GLN A 216 16.25 19.04 12.87
CA GLN A 216 15.19 19.34 13.86
C GLN A 216 15.66 20.49 14.74
N ASP A 217 16.97 20.66 14.89
CA ASP A 217 17.54 21.73 15.73
C ASP A 217 17.36 23.09 15.02
N GLU A 218 16.95 23.13 13.76
CA GLU A 218 16.60 24.39 13.03
C GLU A 218 15.08 24.56 12.96
N TYR A 219 14.33 23.64 13.53
CA TYR A 219 12.85 23.72 13.50
C TYR A 219 12.46 24.97 14.29
N LEU A 220 11.65 25.80 13.67
CA LEU A 220 11.07 27.01 14.29
C LEU A 220 10.24 26.56 15.48
N PRO A 221 10.42 27.16 16.68
CA PRO A 221 9.66 26.77 17.86
C PRO A 221 8.15 26.97 17.64
N VAL A 222 7.36 26.04 18.16
CA VAL A 222 5.89 26.06 17.98
C VAL A 222 5.27 26.48 19.31
N TRP A 223 4.79 27.73 19.38
CA TRP A 223 4.15 28.25 20.62
C TRP A 223 2.64 28.40 20.44
N GLY A 224 2.14 28.21 19.22
CA GLY A 224 0.70 28.36 18.90
C GLY A 224 0.36 27.66 17.60
N GLU A 225 -0.93 27.48 17.33
CA GLU A 225 -1.43 26.78 16.12
C GLU A 225 -1.59 27.82 15.03
N THR A 226 -1.02 27.56 13.85
CA THR A 226 -1.23 28.33 12.59
C THR A 226 -1.08 27.40 11.40
N ASP A 227 -1.28 27.96 10.20
CA ASP A 227 -1.18 27.22 8.92
C ASP A 227 0.29 27.05 8.53
N GLU A 228 1.22 27.65 9.26
CA GLU A 228 2.66 27.71 8.88
C GLU A 228 3.49 26.85 9.86
N THR A 229 2.92 26.48 11.01
CA THR A 229 3.56 25.57 12.01
C THR A 229 2.99 24.16 11.82
N SER A 230 3.69 23.13 12.31
CA SER A 230 3.20 21.73 12.43
C SER A 230 3.77 21.08 13.70
N PHE A 231 3.03 20.10 14.21
CA PHE A 231 3.42 19.30 15.39
C PHE A 231 4.43 18.22 14.98
N GLU A 232 4.73 18.08 13.69
CA GLU A 232 5.38 16.87 13.14
C GLU A 232 6.78 17.20 12.63
N ALA A 233 7.68 16.23 12.70
CA ALA A 233 9.01 16.26 12.06
C ALA A 233 9.08 15.16 11.03
N GLY A 234 9.79 15.44 9.94
CA GLY A 234 9.92 14.56 8.77
C GLY A 234 9.77 15.35 7.51
N ILE A 235 9.48 14.69 6.40
CA ILE A 235 9.33 15.37 5.09
C ILE A 235 8.01 14.88 4.50
N LYS A 236 7.44 15.69 3.63
CA LYS A 236 6.33 15.27 2.76
C LYS A 236 6.99 15.03 1.40
N VAL A 237 6.51 14.04 0.66
CA VAL A 237 7.05 13.63 -0.66
C VAL A 237 5.86 13.45 -1.59
N GLN A 238 6.00 13.86 -2.83
CA GLN A 238 5.03 13.50 -3.88
C GLN A 238 5.79 12.94 -5.07
N ILE A 239 5.36 11.78 -5.54
CA ILE A 239 5.84 11.16 -6.80
C ILE A 239 4.80 11.48 -7.85
N HIS A 240 5.21 12.08 -8.96
CA HIS A 240 4.27 12.65 -9.94
C HIS A 240 4.93 12.76 -11.32
N SER A 241 4.10 12.73 -12.37
CA SER A 241 4.51 13.00 -13.77
C SER A 241 5.23 14.34 -13.82
N GLN A 242 6.21 14.51 -14.71
CA GLN A 242 6.97 15.77 -14.83
C GLN A 242 6.04 16.88 -15.35
N ASP A 243 4.91 16.51 -15.96
CA ASP A 243 3.91 17.39 -16.62
C ASP A 243 2.85 17.88 -15.62
N GLU A 244 2.96 17.44 -14.38
CA GLU A 244 2.06 17.81 -13.26
C GLU A 244 2.89 18.71 -12.35
N PRO A 245 2.37 19.90 -11.94
CA PRO A 245 2.93 20.59 -10.79
C PRO A 245 2.64 19.78 -9.52
N PRO A 246 3.51 19.85 -8.50
CA PRO A 246 3.24 19.14 -7.26
C PRO A 246 2.08 19.81 -6.53
N PHE A 247 1.33 19.02 -5.76
CA PHE A 247 0.22 19.46 -4.90
C PHE A 247 0.43 18.82 -3.52
N ILE A 248 1.61 19.08 -2.97
CA ILE A 248 2.24 18.17 -1.98
C ILE A 248 1.48 18.17 -0.65
N ASP A 249 0.83 19.27 -0.25
CA ASP A 249 0.15 19.36 1.08
C ASP A 249 -1.14 18.54 1.06
N GLN A 250 -1.73 18.32 -0.11
CA GLN A 250 -3.01 17.60 -0.25
C GLN A 250 -2.79 16.14 -0.67
N LEU A 251 -1.85 15.88 -1.57
CA LEU A 251 -1.71 14.57 -2.26
C LEU A 251 -0.39 13.88 -1.93
N GLY A 252 0.39 14.45 -1.03
CA GLY A 252 1.68 13.85 -0.68
C GLY A 252 1.52 12.69 0.27
N PHE A 253 2.61 11.95 0.45
CA PHE A 253 2.81 10.93 1.51
C PHE A 253 3.92 11.40 2.43
N GLY A 254 3.97 10.82 3.63
CA GLY A 254 4.97 11.17 4.66
C GLY A 254 6.14 10.22 4.69
N VAL A 255 7.29 10.73 5.09
CA VAL A 255 8.50 9.91 5.37
C VAL A 255 9.05 10.38 6.71
N ALA A 256 9.20 9.47 7.66
CA ALA A 256 9.65 9.83 9.02
C ALA A 256 11.16 9.77 9.14
N PRO A 257 11.73 10.55 10.09
CA PRO A 257 13.13 10.40 10.47
C PRO A 257 13.30 9.09 11.22
N GLY A 258 14.51 8.54 11.20
CA GLY A 258 14.88 7.34 11.98
C GLY A 258 14.45 6.07 11.29
N PHE A 259 14.22 6.13 9.99
CA PHE A 259 13.86 4.96 9.16
C PHE A 259 14.42 5.11 7.75
N GLN A 260 14.88 3.97 7.23
CA GLN A 260 14.99 3.77 5.77
C GLN A 260 13.63 3.31 5.27
N THR A 261 13.07 4.02 4.29
CA THR A 261 11.69 3.83 3.80
C THR A 261 11.80 3.37 2.35
N PHE A 262 11.33 2.16 2.05
CA PHE A 262 11.27 1.63 0.67
C PHE A 262 9.90 1.98 0.10
N VAL A 263 9.87 2.65 -1.04
CA VAL A 263 8.64 2.98 -1.79
C VAL A 263 8.69 2.28 -3.14
N ALA A 264 7.97 1.18 -3.30
CA ALA A 264 7.95 0.35 -4.53
C ALA A 264 6.75 0.72 -5.39
N CYS A 265 7.00 1.25 -6.58
CA CYS A 265 5.99 1.94 -7.43
C CYS A 265 5.59 1.09 -8.63
N GLN A 266 4.43 1.43 -9.20
CA GLN A 266 3.85 0.85 -10.42
C GLN A 266 3.20 1.99 -11.22
N GLU A 267 3.59 2.20 -12.49
CA GLU A 267 3.00 3.22 -13.38
C GLU A 267 1.63 2.74 -13.87
N GLN A 268 0.59 3.54 -13.66
CA GLN A 268 -0.77 3.30 -14.17
C GLN A 268 -1.06 4.43 -15.16
N ARG A 269 -1.44 4.13 -16.40
CA ARG A 269 -1.82 5.12 -17.44
C ARG A 269 -3.32 5.01 -17.71
N LEU A 270 -4.06 6.09 -17.51
CA LEU A 270 -5.53 6.10 -17.67
C LEU A 270 -5.91 7.00 -18.84
N ILE A 271 -6.68 6.46 -19.80
CA ILE A 271 -7.29 7.26 -20.89
C ILE A 271 -8.81 7.29 -20.67
N TYR A 272 -9.37 8.49 -20.83
CA TYR A 272 -10.80 8.84 -20.69
C TYR A 272 -11.26 9.51 -21.99
N LEU A 273 -12.58 9.51 -22.22
CA LEU A 273 -13.17 10.04 -23.48
C LEU A 273 -13.93 11.31 -23.17
N PRO A 274 -13.83 12.34 -24.06
CA PRO A 274 -14.45 13.64 -23.85
C PRO A 274 -15.96 13.56 -24.01
N PRO A 275 -16.72 14.66 -23.75
CA PRO A 275 -18.16 14.64 -24.05
C PRO A 275 -18.28 14.51 -25.56
N PRO A 276 -19.32 13.80 -26.07
CA PRO A 276 -20.41 13.26 -25.24
C PRO A 276 -20.26 11.87 -24.61
N TRP A 277 -19.14 11.17 -24.85
CA TRP A 277 -18.84 9.79 -24.36
C TRP A 277 -18.54 9.79 -22.85
N GLY A 278 -17.83 10.81 -22.36
CA GLY A 278 -17.50 11.03 -20.94
C GLY A 278 -17.41 12.50 -20.59
N THR A 279 -16.68 12.85 -19.54
CA THR A 279 -16.67 14.21 -18.92
C THR A 279 -15.27 14.82 -18.94
N CYS A 280 -14.28 14.22 -19.61
CA CYS A 280 -12.86 14.65 -19.51
C CYS A 280 -12.62 15.95 -20.33
N LYS A 281 -11.39 16.44 -20.34
CA LYS A 281 -10.94 17.69 -21.01
C LYS A 281 -9.50 17.46 -21.51
N ALA A 282 -9.30 17.37 -22.83
CA ALA A 282 -8.07 16.86 -23.49
C ALA A 282 -6.81 17.46 -22.87
N VAL A 283 -5.80 16.63 -22.62
CA VAL A 283 -4.42 17.08 -22.28
C VAL A 283 -3.62 17.18 -23.59
N THR A 284 -3.22 18.40 -23.95
CA THR A 284 -2.20 18.71 -25.00
C THR A 284 -1.26 19.78 -24.43
N MET A 285 -0.50 20.48 -25.29
CA MET A 285 0.36 21.64 -24.91
C MET A 285 -0.39 22.95 -25.24
N ASP A 286 -1.70 22.89 -25.51
CA ASP A 286 -2.63 24.06 -25.55
C ASP A 286 -3.60 23.92 -24.36
N SER A 287 -3.10 24.19 -23.14
CA SER A 287 -3.70 23.84 -21.83
C SER A 287 -5.08 24.46 -21.67
N ASP A 288 -5.29 25.67 -22.20
CA ASP A 288 -6.55 26.44 -22.08
C ASP A 288 -6.63 27.05 -20.66
N LEU A 289 -5.54 27.04 -19.89
CA LEU A 289 -5.53 27.52 -18.49
C LEU A 289 -4.65 28.77 -18.37
N ASP A 290 -5.13 29.74 -17.59
CA ASP A 290 -4.49 31.07 -17.43
C ASP A 290 -2.98 30.89 -17.17
N PHE A 291 -2.56 29.99 -16.27
CA PHE A 291 -1.17 29.98 -15.76
C PHE A 291 -0.43 28.67 -16.01
N PHE A 292 -0.87 27.74 -16.87
CA PHE A 292 -0.21 26.42 -16.99
C PHE A 292 -0.12 25.93 -18.44
N ASP A 293 0.90 25.12 -18.70
CA ASP A 293 1.31 24.60 -20.03
C ASP A 293 0.37 23.46 -20.47
N SER A 294 0.06 22.53 -19.56
CA SER A 294 -0.75 21.30 -19.81
C SER A 294 -1.89 21.23 -18.80
N TYR A 295 -3.03 20.65 -19.16
CA TYR A 295 -4.14 20.45 -18.19
C TYR A 295 -3.78 19.30 -17.25
N SER A 296 -4.27 19.42 -16.01
CA SER A 296 -4.13 18.46 -14.88
C SER A 296 -5.01 19.00 -13.75
N ILE A 297 -5.74 18.12 -13.08
CA ILE A 297 -6.51 18.50 -11.86
C ILE A 297 -5.61 19.45 -11.03
N THR A 298 -4.37 19.06 -10.77
CA THR A 298 -3.45 19.86 -9.91
C THR A 298 -3.33 21.27 -10.51
N ALA A 299 -2.97 21.39 -11.79
CA ALA A 299 -2.76 22.69 -12.43
C ALA A 299 -4.07 23.48 -12.36
N CYS A 300 -5.16 22.82 -12.73
CA CYS A 300 -6.51 23.43 -12.75
C CYS A 300 -6.83 24.00 -11.37
N ARG A 301 -6.49 23.29 -10.30
CA ARG A 301 -6.85 23.67 -8.90
C ARG A 301 -5.97 24.85 -8.48
N ILE A 302 -4.68 24.81 -8.76
CA ILE A 302 -3.72 25.88 -8.39
C ILE A 302 -4.16 27.15 -9.12
N ASP A 303 -4.55 27.03 -10.39
CA ASP A 303 -5.09 28.15 -11.20
C ASP A 303 -6.25 28.77 -10.42
N CYS A 304 -7.32 27.99 -10.27
CA CYS A 304 -8.57 28.36 -9.56
C CYS A 304 -8.23 28.97 -8.20
N GLU A 305 -7.28 28.41 -7.43
CA GLU A 305 -6.91 28.95 -6.09
C GLU A 305 -6.35 30.35 -6.27
N THR A 306 -5.44 30.52 -7.23
CA THR A 306 -4.72 31.78 -7.48
C THR A 306 -5.74 32.86 -7.85
N ARG A 307 -6.68 32.53 -8.74
CA ARG A 307 -7.74 33.46 -9.18
C ARG A 307 -8.49 33.94 -7.93
N TYR A 308 -9.02 33.00 -7.16
CA TYR A 308 -9.86 33.23 -5.96
C TYR A 308 -9.16 34.14 -4.95
N LEU A 309 -7.85 34.01 -4.73
CA LEU A 309 -7.18 34.77 -3.65
C LEU A 309 -6.96 36.19 -4.15
N VAL A 310 -6.64 36.32 -5.43
CA VAL A 310 -6.42 37.63 -6.10
C VAL A 310 -7.73 38.42 -6.03
N GLU A 311 -8.84 37.80 -6.42
CA GLU A 311 -10.22 38.37 -6.37
C GLU A 311 -10.54 38.83 -4.94
N ASN A 312 -10.37 37.97 -3.95
CA ASN A 312 -10.88 38.18 -2.57
C ASN A 312 -9.81 38.82 -1.67
N CYS A 313 -8.54 38.88 -2.07
CA CYS A 313 -7.44 39.39 -1.20
C CYS A 313 -6.55 40.43 -1.88
N ASN A 314 -6.58 40.54 -3.21
CA ASN A 314 -5.72 41.44 -4.02
C ASN A 314 -4.26 41.10 -3.76
N CYS A 315 -3.96 39.80 -3.63
CA CYS A 315 -2.59 39.24 -3.58
C CYS A 315 -2.63 37.75 -3.90
N ARG A 316 -1.45 37.20 -4.22
CA ARG A 316 -1.20 35.75 -4.38
C ARG A 316 -0.24 35.32 -3.28
N MET A 317 -0.26 34.04 -2.89
CA MET A 317 0.72 33.46 -1.94
C MET A 317 2.01 33.19 -2.70
N VAL A 318 3.16 33.19 -2.00
CA VAL A 318 4.51 33.11 -2.64
C VAL A 318 4.57 31.92 -3.60
N HIS A 319 3.73 30.90 -3.44
CA HIS A 319 3.83 29.65 -4.22
C HIS A 319 2.87 29.67 -5.42
N MET A 320 2.04 30.70 -5.56
CA MET A 320 1.04 30.74 -6.67
C MET A 320 1.66 31.45 -7.86
N PRO A 321 1.24 31.10 -9.09
CA PRO A 321 1.74 31.76 -10.29
C PRO A 321 1.07 33.11 -10.53
N GLY A 322 1.29 33.70 -11.72
CA GLY A 322 0.76 35.02 -12.10
C GLY A 322 1.69 36.15 -11.68
N ASP A 323 1.22 37.39 -11.75
CA ASP A 323 2.06 38.61 -11.59
C ASP A 323 1.46 39.50 -10.50
N ALA A 324 0.42 39.04 -9.80
CA ALA A 324 -0.18 39.76 -8.66
C ALA A 324 0.90 40.00 -7.61
N PRO A 325 0.71 40.99 -6.70
CA PRO A 325 1.68 41.17 -5.63
C PRO A 325 1.64 39.99 -4.66
N TYR A 326 2.76 39.68 -4.02
CA TYR A 326 2.83 38.62 -2.98
C TYR A 326 2.11 39.16 -1.74
N CYS A 327 1.37 38.31 -1.05
CA CYS A 327 0.69 38.64 0.23
C CYS A 327 1.75 39.03 1.27
N THR A 328 1.41 39.96 2.15
CA THR A 328 2.22 40.31 3.34
C THR A 328 1.83 39.38 4.48
N PRO A 329 2.70 39.18 5.49
CA PRO A 329 2.29 38.43 6.68
C PRO A 329 0.87 38.81 7.10
N GLU A 330 0.56 40.11 7.19
CA GLU A 330 -0.76 40.59 7.62
C GLU A 330 -1.81 39.97 6.70
N GLN A 331 -1.60 40.02 5.38
CA GLN A 331 -2.59 39.51 4.40
C GLN A 331 -2.70 37.98 4.49
N TYR A 332 -1.57 37.28 4.66
CA TYR A 332 -1.51 35.81 4.90
C TYR A 332 -2.48 35.46 6.01
N LYS A 333 -2.24 36.04 7.21
CA LYS A 333 -3.00 35.79 8.46
C LYS A 333 -4.47 36.19 8.29
N GLU A 334 -4.73 37.40 7.80
CA GLU A 334 -6.10 38.01 7.81
C GLU A 334 -6.96 37.51 6.66
N CYS A 335 -6.40 37.38 5.46
CA CYS A 335 -7.22 37.18 4.25
C CYS A 335 -6.90 35.81 3.63
N ALA A 336 -5.62 35.55 3.30
CA ALA A 336 -5.19 34.53 2.33
C ALA A 336 -5.27 33.12 2.94
N ASP A 337 -4.66 32.90 4.11
CA ASP A 337 -4.70 31.60 4.82
C ASP A 337 -6.15 31.19 5.03
N PRO A 338 -7.01 32.02 5.67
CA PRO A 338 -8.41 31.64 5.84
C PRO A 338 -9.15 31.41 4.50
N ALA A 339 -8.86 32.23 3.48
CA ALA A 339 -9.56 32.16 2.18
C ALA A 339 -9.23 30.84 1.48
N LEU A 340 -7.95 30.46 1.52
CA LEU A 340 -7.46 29.25 0.81
C LEU A 340 -8.02 28.03 1.52
N ASP A 341 -8.07 28.07 2.86
CA ASP A 341 -8.68 27.00 3.68
C ASP A 341 -10.16 26.93 3.32
N PHE A 342 -10.90 28.04 3.41
CA PHE A 342 -12.32 28.08 2.97
C PHE A 342 -12.44 27.36 1.63
N LEU A 343 -11.54 27.68 0.71
CA LEU A 343 -11.69 27.20 -0.68
C LEU A 343 -11.53 25.66 -0.72
N VAL A 344 -10.46 25.10 -0.18
CA VAL A 344 -10.13 23.64 -0.35
C VAL A 344 -10.94 22.78 0.62
N GLU A 345 -11.75 23.38 1.51
CA GLU A 345 -12.48 22.60 2.55
C GLU A 345 -13.98 22.67 2.27
N LYS A 346 -14.53 23.88 2.23
CA LYS A 346 -15.99 24.16 2.22
C LYS A 346 -16.44 24.44 0.77
N ASP A 347 -16.23 25.64 0.22
CA ASP A 347 -16.72 26.04 -1.14
C ASP A 347 -16.71 24.84 -2.10
N GLN A 348 -17.84 24.59 -2.79
CA GLN A 348 -17.93 23.68 -3.96
C GLN A 348 -18.54 24.42 -5.17
N GLU A 349 -18.67 25.74 -5.12
CA GLU A 349 -19.23 26.57 -6.23
C GLU A 349 -18.07 26.91 -7.21
N TYR A 350 -17.00 27.52 -6.68
CA TYR A 350 -16.02 28.31 -7.45
C TYR A 350 -15.17 27.41 -8.34
N CYS A 351 -14.77 26.23 -7.88
CA CYS A 351 -13.74 25.36 -8.51
C CYS A 351 -14.37 24.17 -9.22
N VAL A 352 -14.72 24.32 -10.50
CA VAL A 352 -15.15 23.19 -11.38
C VAL A 352 -13.93 22.69 -12.17
N CYS A 353 -13.30 21.59 -11.72
CA CYS A 353 -12.08 21.02 -12.35
C CYS A 353 -12.35 19.58 -12.78
N GLU A 354 -12.44 19.35 -14.09
CA GLU A 354 -12.84 18.07 -14.71
C GLU A 354 -11.60 17.17 -14.93
N MET A 355 -11.82 15.86 -15.03
CA MET A 355 -10.80 14.82 -15.33
C MET A 355 -10.03 15.21 -16.58
N PRO A 356 -8.69 15.05 -16.63
CA PRO A 356 -7.96 15.05 -17.89
C PRO A 356 -8.26 13.76 -18.64
N CYS A 357 -7.92 13.70 -19.94
CA CYS A 357 -8.19 12.50 -20.79
C CYS A 357 -6.97 11.58 -20.77
N ASN A 358 -5.78 12.15 -20.71
CA ASN A 358 -4.49 11.42 -20.48
C ASN A 358 -4.10 11.68 -19.03
N LEU A 359 -3.62 10.68 -18.30
CA LEU A 359 -3.43 10.78 -16.83
C LEU A 359 -2.54 9.64 -16.32
N THR A 360 -1.53 9.96 -15.53
CA THR A 360 -0.50 9.01 -15.05
C THR A 360 -0.55 8.97 -13.51
N ARG A 361 -0.69 7.77 -12.96
CA ARG A 361 -0.90 7.48 -11.52
C ARG A 361 0.24 6.58 -11.07
N TYR A 362 0.66 6.63 -9.81
CA TYR A 362 1.70 5.73 -9.26
C TYR A 362 1.15 5.00 -8.03
N GLY A 363 0.89 3.70 -8.18
CA GLY A 363 0.72 2.76 -7.05
C GLY A 363 2.01 2.64 -6.25
N LYS A 364 1.91 2.58 -4.93
CA LYS A 364 3.09 2.63 -4.03
C LYS A 364 2.87 1.63 -2.91
N GLU A 365 3.89 0.84 -2.56
CA GLU A 365 3.93 0.02 -1.32
C GLU A 365 5.09 0.51 -0.45
N LEU A 366 4.80 1.11 0.69
CA LEU A 366 5.84 1.58 1.64
C LEU A 366 6.10 0.53 2.70
N SER A 367 7.35 0.47 3.14
CA SER A 367 7.89 -0.48 4.14
C SER A 367 9.10 0.22 4.75
N MET A 368 9.52 -0.14 5.94
CA MET A 368 10.63 0.61 6.56
C MET A 368 11.43 -0.29 7.50
N VAL A 369 12.68 0.10 7.71
CA VAL A 369 13.61 -0.47 8.73
C VAL A 369 14.19 0.70 9.53
N LYS A 370 14.72 0.40 10.72
CA LYS A 370 15.21 1.45 11.64
C LYS A 370 16.58 1.91 11.12
N ILE A 371 16.88 3.19 11.28
CA ILE A 371 18.25 3.74 11.14
C ILE A 371 18.44 4.75 12.26
N PRO A 372 19.60 4.76 12.94
CA PRO A 372 20.66 3.79 12.72
C PRO A 372 20.55 2.55 13.62
N SER A 373 21.15 1.43 13.19
CA SER A 373 21.48 0.24 14.04
C SER A 373 22.36 0.73 15.17
N LYS A 374 22.31 0.11 16.34
CA LYS A 374 23.26 0.37 17.46
C LYS A 374 24.69 0.37 16.91
N ALA A 375 24.98 -0.57 16.01
CA ALA A 375 26.32 -0.76 15.41
C ALA A 375 26.73 0.45 14.57
N SER A 376 25.80 1.01 13.80
CA SER A 376 26.13 2.02 12.75
C SER A 376 26.14 3.44 13.34
N ALA A 377 25.59 3.61 14.55
CA ALA A 377 25.26 4.94 15.10
C ALA A 377 26.54 5.75 15.22
N LYS A 378 27.58 5.17 15.83
CA LYS A 378 28.81 5.94 16.10
C LYS A 378 29.46 6.33 14.76
N TYR A 379 29.50 5.43 13.79
CA TYR A 379 30.09 5.73 12.47
C TYR A 379 29.35 6.92 11.86
N LEU A 380 28.02 6.96 11.90
CA LEU A 380 27.24 8.02 11.22
C LEU A 380 27.44 9.34 11.95
N ALA A 381 27.51 9.28 13.28
CA ALA A 381 27.75 10.45 14.13
C ALA A 381 29.08 11.08 13.69
N LYS A 382 30.13 10.26 13.66
CA LYS A 382 31.49 10.72 13.29
C LYS A 382 31.48 11.17 11.83
N LYS A 383 30.86 10.44 10.92
CA LYS A 383 31.00 10.77 9.48
C LYS A 383 30.43 12.16 9.22
N PHE A 384 29.54 12.68 10.07
CA PHE A 384 28.74 13.91 9.82
C PHE A 384 28.88 14.92 10.97
N ASN A 385 29.84 14.72 11.87
CA ASN A 385 30.13 15.65 13.00
C ASN A 385 28.80 15.99 13.68
N LYS A 386 28.01 14.99 14.05
CA LYS A 386 26.77 15.19 14.85
C LYS A 386 26.81 14.21 16.03
N SER A 387 26.00 14.43 17.06
CA SER A 387 25.88 13.52 18.23
C SER A 387 25.23 12.21 17.76
N GLU A 388 25.34 11.13 18.54
CA GLU A 388 24.64 9.86 18.23
C GLU A 388 23.14 10.11 18.34
N GLN A 389 22.72 10.85 19.39
CA GLN A 389 21.30 11.18 19.66
C GLN A 389 20.73 11.91 18.45
N TYR A 390 21.46 12.89 17.93
CA TYR A 390 21.03 13.72 16.78
C TYR A 390 20.73 12.81 15.57
N ILE A 391 21.59 11.83 15.33
CA ILE A 391 21.50 10.92 14.15
C ILE A 391 20.16 10.19 14.25
N GLY A 392 19.87 9.65 15.43
CA GLY A 392 18.61 8.96 15.72
C GLY A 392 17.42 9.81 15.33
N GLU A 393 17.47 11.11 15.65
CA GLU A 393 16.32 12.04 15.58
C GLU A 393 16.16 12.67 14.19
N ASN A 394 17.21 12.71 13.36
CA ASN A 394 17.23 13.59 12.16
C ASN A 394 17.53 12.87 10.84
N ILE A 395 18.17 11.70 10.87
CA ILE A 395 18.58 11.03 9.62
C ILE A 395 17.43 10.20 9.09
N LEU A 396 17.18 10.25 7.79
CA LEU A 396 16.31 9.27 7.13
C LEU A 396 16.90 8.87 5.78
N VAL A 397 16.49 7.72 5.28
CA VAL A 397 16.84 7.24 3.92
C VAL A 397 15.54 6.91 3.20
N LEU A 398 15.47 7.27 1.93
CA LEU A 398 14.29 7.07 1.05
C LEU A 398 14.78 6.36 -0.22
N ASP A 399 14.22 5.21 -0.53
CA ASP A 399 14.46 4.48 -1.80
C ASP A 399 13.15 4.46 -2.58
N ILE A 400 13.14 5.09 -3.73
CA ILE A 400 11.96 5.06 -4.64
C ILE A 400 12.40 4.27 -5.86
N PHE A 401 11.62 3.26 -6.22
CA PHE A 401 11.96 2.30 -7.28
C PHE A 401 10.72 1.58 -7.78
N PHE A 402 10.83 0.95 -8.94
CA PHE A 402 9.71 0.23 -9.58
C PHE A 402 9.86 -1.25 -9.31
N GLU A 403 8.76 -1.95 -9.04
CA GLU A 403 8.71 -3.41 -8.77
C GLU A 403 9.11 -4.13 -10.07
N VAL A 404 8.52 -3.73 -11.19
CA VAL A 404 8.70 -4.40 -12.51
C VAL A 404 8.51 -3.40 -13.67
N LEU A 405 9.32 -3.61 -14.70
CA LEU A 405 9.25 -2.97 -16.05
C LEU A 405 7.87 -3.24 -16.66
N ASN A 406 6.88 -2.58 -16.09
CA ASN A 406 5.46 -2.80 -16.48
C ASN A 406 4.66 -1.59 -16.00
N TYR A 407 3.76 -1.15 -16.89
CA TYR A 407 2.68 -0.21 -16.57
C TYR A 407 1.34 -0.87 -16.92
N GLU A 408 0.36 -0.72 -16.03
CA GLU A 408 -1.08 -0.98 -16.30
C GLU A 408 -1.54 0.18 -17.20
N THR A 409 -2.32 -0.10 -18.25
CA THR A 409 -3.11 0.93 -18.97
C THR A 409 -4.60 0.65 -18.77
N ILE A 410 -5.40 1.69 -18.58
CA ILE A 410 -6.89 1.58 -18.59
C ILE A 410 -7.43 2.67 -19.53
N GLU A 411 -7.65 2.28 -20.80
CA GLU A 411 -8.10 3.13 -21.92
C GLU A 411 -9.60 2.94 -22.15
N GLN A 412 -10.36 4.03 -22.09
CA GLN A 412 -11.75 4.10 -22.64
C GLN A 412 -11.61 4.24 -24.16
N LYS A 413 -12.33 3.40 -24.91
CA LYS A 413 -12.42 3.47 -26.39
C LYS A 413 -13.89 3.72 -26.77
N LYS A 414 -14.11 4.48 -27.84
CA LYS A 414 -15.47 4.72 -28.42
C LYS A 414 -16.06 3.35 -28.74
N ALA A 415 -17.30 3.10 -28.30
CA ALA A 415 -18.01 1.81 -28.45
C ALA A 415 -18.30 1.54 -29.93
N TYR A 416 -18.98 2.49 -30.56
CA TYR A 416 -19.51 2.42 -31.95
C TYR A 416 -19.12 3.72 -32.65
N GLU A 417 -18.03 3.70 -33.42
CA GLU A 417 -17.45 4.85 -34.16
C GLU A 417 -18.50 5.37 -35.16
N ILE A 418 -18.43 6.66 -35.54
CA ILE A 418 -19.35 7.29 -36.53
C ILE A 418 -19.09 6.74 -37.94
N ALA A 419 -17.83 6.45 -38.27
CA ALA A 419 -17.40 5.81 -39.55
C ALA A 419 -18.13 4.47 -39.73
N GLY A 420 -18.03 3.59 -38.72
CA GLY A 420 -18.65 2.26 -38.71
C GLY A 420 -20.17 2.29 -38.69
N LEU A 421 -20.81 3.44 -38.39
CA LEU A 421 -22.29 3.62 -38.48
C LEU A 421 -22.71 3.75 -39.94
N LEU A 422 -21.96 4.51 -40.75
CA LEU A 422 -22.21 4.71 -42.20
C LEU A 422 -21.83 3.43 -42.97
N GLY A 423 -20.99 2.57 -42.38
CA GLY A 423 -20.59 1.26 -42.93
C GLY A 423 -21.57 0.14 -42.59
N ASP A 424 -22.53 0.39 -41.69
CA ASP A 424 -23.71 -0.49 -41.45
C ASP A 424 -24.89 0.08 -42.23
N ILE A 425 -25.23 1.37 -42.07
CA ILE A 425 -26.46 1.98 -42.66
C ILE A 425 -26.32 2.04 -44.18
N GLY A 426 -25.09 2.11 -44.70
CA GLY A 426 -24.81 2.00 -46.15
C GLY A 426 -25.07 0.60 -46.69
N GLY A 427 -24.79 -0.43 -45.88
CA GLY A 427 -24.99 -1.85 -46.20
C GLY A 427 -26.38 -2.36 -45.85
N GLN A 428 -27.08 -1.67 -44.94
CA GLN A 428 -28.54 -1.86 -44.63
C GLN A 428 -29.36 -1.28 -45.79
N MET A 429 -28.95 -0.11 -46.29
CA MET A 429 -29.64 0.62 -47.41
C MET A 429 -29.37 -0.08 -48.75
N GLY A 430 -28.30 -0.87 -48.84
CA GLY A 430 -27.76 -1.40 -50.12
C GLY A 430 -28.29 -2.77 -50.48
N LEU A 431 -29.02 -3.47 -49.59
CA LEU A 431 -29.58 -4.84 -49.85
C LEU A 431 -31.09 -4.78 -50.12
N PHE A 432 -31.82 -3.83 -49.53
CA PHE A 432 -33.26 -3.64 -49.83
C PHE A 432 -33.41 -2.84 -51.12
N ILE A 433 -32.42 -2.02 -51.46
CA ILE A 433 -32.31 -1.32 -52.78
C ILE A 433 -31.82 -2.34 -53.82
N GLY A 434 -31.18 -3.44 -53.38
CA GLY A 434 -30.85 -4.62 -54.22
C GLY A 434 -32.00 -5.60 -54.36
N ALA A 435 -33.01 -5.54 -53.48
CA ALA A 435 -34.21 -6.43 -53.43
C ALA A 435 -35.38 -5.77 -54.18
N SER A 436 -35.39 -4.44 -54.27
CA SER A 436 -36.40 -3.62 -55.02
C SER A 436 -35.98 -3.53 -56.48
N ILE A 437 -34.68 -3.64 -56.77
CA ILE A 437 -34.15 -3.64 -58.17
C ILE A 437 -34.53 -4.99 -58.84
N LEU A 438 -34.43 -6.12 -58.12
CA LEU A 438 -34.84 -7.46 -58.62
C LEU A 438 -36.36 -7.51 -58.81
N THR A 439 -37.17 -7.14 -57.79
CA THR A 439 -38.65 -7.02 -57.85
C THR A 439 -39.09 -5.60 -57.45
N ALA B 37 -27.29 -9.68 -64.56
CA ALA B 37 -27.21 -8.31 -63.98
C ALA B 37 -25.72 -7.98 -63.70
N LEU B 38 -25.43 -7.00 -62.83
CA LEU B 38 -24.06 -6.57 -62.43
C LEU B 38 -23.62 -7.25 -61.11
N CYS B 39 -24.44 -8.17 -60.58
CA CYS B 39 -24.33 -8.78 -59.22
C CYS B 39 -23.09 -9.67 -59.08
N PHE B 40 -22.69 -10.41 -60.14
CA PHE B 40 -21.52 -11.33 -60.13
C PHE B 40 -20.19 -10.56 -60.21
N LEU B 41 -20.19 -9.39 -60.88
CA LEU B 41 -19.04 -8.43 -60.93
C LEU B 41 -18.89 -7.72 -59.57
N GLY B 42 -20.00 -7.44 -58.87
CA GLY B 42 -19.99 -6.75 -57.56
C GLY B 42 -19.82 -7.69 -56.38
N SER B 43 -20.04 -9.01 -56.57
CA SER B 43 -20.12 -10.02 -55.47
C SER B 43 -18.79 -10.78 -55.31
N LEU B 44 -17.99 -10.92 -56.37
CA LEU B 44 -16.63 -11.53 -56.23
C LEU B 44 -15.65 -10.43 -55.80
N ALA B 45 -15.86 -9.17 -56.20
CA ALA B 45 -15.04 -8.01 -55.77
C ALA B 45 -15.17 -7.79 -54.25
N VAL B 46 -16.33 -8.07 -53.66
CA VAL B 46 -16.66 -7.84 -52.22
C VAL B 46 -16.13 -9.00 -51.35
N LEU B 47 -16.17 -10.25 -51.84
CA LEU B 47 -15.56 -11.44 -51.17
C LEU B 47 -14.05 -11.26 -51.02
N LEU B 48 -13.34 -11.00 -52.13
CA LEU B 48 -11.86 -10.90 -52.21
C LEU B 48 -11.35 -9.71 -51.40
N CYS B 49 -12.14 -8.63 -51.30
CA CYS B 49 -11.77 -7.37 -50.59
C CYS B 49 -11.94 -7.55 -49.08
N VAL B 50 -13.09 -8.11 -48.64
CA VAL B 50 -13.43 -8.37 -47.20
C VAL B 50 -12.53 -9.50 -46.68
N CYS B 51 -12.19 -10.47 -47.54
CA CYS B 51 -11.34 -11.65 -47.22
C CYS B 51 -9.93 -11.20 -46.80
N THR B 52 -9.35 -10.19 -47.47
CA THR B 52 -7.94 -9.73 -47.23
C THR B 52 -7.93 -8.63 -46.15
N GLU B 53 -9.09 -8.14 -45.70
CA GLU B 53 -9.22 -7.21 -44.54
C GLU B 53 -9.29 -8.02 -43.24
N ARG B 54 -9.84 -9.24 -43.30
CA ARG B 54 -9.86 -10.20 -42.16
C ARG B 54 -8.59 -11.05 -42.17
N VAL B 55 -7.66 -10.80 -43.08
CA VAL B 55 -6.29 -11.43 -43.10
C VAL B 55 -5.27 -10.38 -42.67
N GLN B 56 -5.54 -9.09 -42.93
CA GLN B 56 -4.70 -7.96 -42.44
C GLN B 56 -4.95 -7.74 -40.94
N TYR B 57 -6.13 -8.11 -40.44
CA TYR B 57 -6.49 -8.08 -39.00
C TYR B 57 -5.72 -9.18 -38.27
N TYR B 58 -5.77 -10.41 -38.80
CA TYR B 58 -5.11 -11.60 -38.23
C TYR B 58 -3.59 -11.39 -38.17
N PHE B 59 -2.99 -10.77 -39.19
CA PHE B 59 -1.52 -10.61 -39.33
C PHE B 59 -1.02 -9.42 -38.50
N HIS B 60 -1.90 -8.52 -38.05
CA HIS B 60 -1.63 -7.53 -36.97
C HIS B 60 -1.42 -8.26 -35.64
N TYR B 61 -2.04 -9.45 -35.49
CA TYR B 61 -1.87 -10.38 -34.34
C TYR B 61 -2.34 -9.71 -33.06
N HIS B 62 -3.50 -9.05 -33.11
CA HIS B 62 -4.20 -8.47 -31.94
C HIS B 62 -4.35 -9.51 -30.83
N HIS B 63 -4.47 -9.02 -29.60
CA HIS B 63 -4.83 -9.78 -28.36
C HIS B 63 -5.92 -9.01 -27.62
N VAL B 64 -6.62 -9.68 -26.73
CA VAL B 64 -7.65 -9.03 -25.86
C VAL B 64 -7.41 -9.52 -24.42
N THR B 65 -7.58 -8.64 -23.43
CA THR B 65 -7.21 -8.90 -22.01
C THR B 65 -8.48 -9.07 -21.19
N LYS B 66 -8.68 -10.24 -20.58
CA LYS B 66 -9.87 -10.54 -19.76
C LYS B 66 -9.48 -10.42 -18.29
N LEU B 67 -10.20 -9.57 -17.57
CA LEU B 67 -10.04 -9.31 -16.12
C LEU B 67 -11.10 -10.12 -15.40
N ASP B 68 -10.78 -10.76 -14.28
CA ASP B 68 -11.84 -11.37 -13.45
C ASP B 68 -11.44 -11.37 -11.99
N GLU B 69 -12.43 -11.37 -11.11
CA GLU B 69 -12.31 -11.80 -9.69
C GLU B 69 -13.04 -13.14 -9.54
N VAL B 70 -12.29 -14.20 -9.22
CA VAL B 70 -12.88 -15.54 -8.96
C VAL B 70 -13.00 -15.67 -7.43
N ALA B 71 -14.16 -16.08 -6.93
CA ALA B 71 -14.42 -16.50 -5.53
C ALA B 71 -13.70 -17.83 -5.30
N ALA B 72 -12.82 -17.88 -4.30
CA ALA B 72 -11.91 -19.03 -4.06
C ALA B 72 -12.22 -19.61 -2.69
N SER B 73 -12.59 -20.88 -2.60
CA SER B 73 -12.80 -21.55 -1.29
C SER B 73 -11.46 -21.56 -0.53
N GLN B 74 -10.35 -21.63 -1.28
CA GLN B 74 -8.99 -21.79 -0.70
C GLN B 74 -7.95 -21.28 -1.69
N LEU B 75 -6.82 -20.83 -1.17
CA LEU B 75 -5.65 -20.31 -1.91
C LEU B 75 -4.40 -21.03 -1.37
N THR B 76 -3.39 -21.20 -2.22
CA THR B 76 -2.04 -21.66 -1.78
C THR B 76 -1.33 -20.49 -1.12
N PHE B 77 -0.96 -20.66 0.14
CA PHE B 77 -0.21 -19.62 0.88
C PHE B 77 1.16 -19.52 0.25
N PRO B 78 1.71 -18.31 0.06
CA PRO B 78 2.97 -18.16 -0.66
C PRO B 78 4.15 -18.54 0.24
N ALA B 79 5.34 -18.51 -0.35
CA ALA B 79 6.62 -18.58 0.37
C ALA B 79 6.89 -17.24 1.03
N VAL B 80 7.46 -17.27 2.22
CA VAL B 80 7.85 -16.02 2.92
C VAL B 80 9.32 -16.18 3.28
N THR B 81 10.19 -15.54 2.51
CA THR B 81 11.63 -15.54 2.80
C THR B 81 11.95 -14.33 3.66
N LEU B 82 12.81 -14.51 4.67
CA LEU B 82 13.20 -13.35 5.50
C LEU B 82 14.69 -13.41 5.89
N CYS B 83 15.32 -12.25 5.98
CA CYS B 83 16.77 -12.02 6.23
C CYS B 83 16.97 -10.95 7.30
N ASN B 84 17.79 -11.20 8.31
CA ASN B 84 18.35 -10.15 9.18
C ASN B 84 19.16 -9.22 8.29
N LEU B 85 19.22 -7.93 8.58
CA LEU B 85 20.01 -6.97 7.75
C LEU B 85 21.50 -7.06 8.09
N ASN B 86 21.82 -7.57 9.28
CA ASN B 86 23.20 -7.85 9.74
C ASN B 86 23.57 -9.22 9.18
N GLU B 87 24.69 -9.34 8.45
CA GLU B 87 25.09 -10.57 7.73
C GLU B 87 25.90 -11.51 8.63
N PHE B 88 26.67 -11.00 9.58
CA PHE B 88 27.63 -11.80 10.39
C PHE B 88 27.48 -11.43 11.85
N ARG B 89 27.17 -12.40 12.68
CA ARG B 89 27.09 -12.18 14.15
C ARG B 89 28.50 -11.96 14.66
N PHE B 90 28.68 -10.92 15.45
CA PHE B 90 29.95 -10.49 16.09
C PHE B 90 30.60 -11.65 16.84
N SER B 91 29.78 -12.36 17.62
CA SER B 91 30.24 -13.44 18.55
C SER B 91 30.70 -14.67 17.77
N GLN B 92 30.44 -14.76 16.47
CA GLN B 92 30.81 -15.94 15.65
C GLN B 92 32.04 -15.64 14.83
N VAL B 93 32.54 -14.40 14.85
CA VAL B 93 33.72 -14.02 14.03
C VAL B 93 34.97 -14.42 14.81
N SER B 94 35.65 -15.48 14.37
CA SER B 94 36.88 -16.06 14.97
C SER B 94 38.08 -15.24 14.50
N LYS B 95 39.21 -15.39 15.21
CA LYS B 95 40.53 -14.85 14.76
C LYS B 95 40.79 -15.27 13.30
N ASN B 96 40.56 -16.54 12.96
CA ASN B 96 40.78 -17.04 11.58
C ASN B 96 39.92 -16.23 10.59
N ASP B 97 38.64 -16.01 10.92
CA ASP B 97 37.68 -15.30 10.04
C ASP B 97 38.15 -13.86 9.84
N LEU B 98 38.50 -13.21 10.94
CA LEU B 98 38.96 -11.80 10.91
C LEU B 98 40.21 -11.70 10.03
N TYR B 99 41.13 -12.65 10.18
CA TYR B 99 42.36 -12.79 9.36
C TYR B 99 42.02 -12.76 7.86
N HIS B 100 41.05 -13.53 7.40
CA HIS B 100 40.71 -13.63 5.96
C HIS B 100 39.76 -12.53 5.49
N ALA B 101 38.76 -12.17 6.30
CA ALA B 101 37.59 -11.35 5.89
C ALA B 101 37.62 -9.95 6.50
N GLY B 102 38.45 -9.72 7.51
CA GLY B 102 38.49 -8.44 8.25
C GLY B 102 38.48 -7.20 7.36
N GLU B 103 39.13 -7.24 6.19
CA GLU B 103 39.22 -6.07 5.28
C GLU B 103 37.86 -5.91 4.60
N LEU B 104 37.25 -7.02 4.19
CA LEU B 104 35.91 -7.05 3.54
C LEU B 104 34.82 -6.47 4.47
N LEU B 105 34.97 -6.64 5.80
CA LEU B 105 34.01 -6.17 6.83
C LEU B 105 34.42 -4.80 7.41
N ALA B 106 35.47 -4.20 6.86
CA ALA B 106 36.01 -2.88 7.28
C ALA B 106 36.39 -2.87 8.77
N LEU B 107 36.65 -4.04 9.37
CA LEU B 107 37.19 -4.13 10.74
C LEU B 107 38.74 -4.05 10.70
N LEU B 108 39.35 -4.28 9.53
CA LEU B 108 40.80 -4.13 9.30
C LEU B 108 41.00 -3.20 8.09
N ASN B 109 42.15 -2.52 7.99
CA ASN B 109 42.57 -1.79 6.76
C ASN B 109 43.32 -2.77 5.83
N ASN B 110 43.90 -2.25 4.74
CA ASN B 110 44.62 -3.03 3.70
C ASN B 110 45.94 -3.58 4.22
N ARG B 111 46.33 -3.23 5.46
CA ARG B 111 47.53 -3.76 6.16
C ARG B 111 47.08 -4.75 7.25
N TYR B 112 45.85 -5.28 7.13
CA TYR B 112 45.22 -6.25 8.05
C TYR B 112 45.53 -5.91 9.51
N GLU B 113 45.42 -4.63 9.84
CA GLU B 113 45.46 -4.15 11.25
C GLU B 113 44.25 -3.23 11.46
N ILE B 114 43.88 -3.06 12.73
CA ILE B 114 42.73 -2.23 13.15
C ILE B 114 43.07 -0.78 12.88
N PRO B 115 42.23 -0.01 12.15
CA PRO B 115 42.54 1.40 11.86
C PRO B 115 42.68 2.27 13.13
N ASP B 116 43.44 3.36 13.04
CA ASP B 116 43.75 4.24 14.20
C ASP B 116 42.57 5.21 14.41
N THR B 117 41.59 5.28 13.50
CA THR B 117 40.35 6.12 13.63
C THR B 117 39.57 5.66 14.87
N GLN B 118 39.38 6.58 15.83
CA GLN B 118 38.85 6.30 17.20
C GLN B 118 37.32 6.32 17.14
N MET B 119 36.76 5.46 16.29
CA MET B 119 35.32 5.42 15.97
C MET B 119 34.80 3.99 16.17
N ALA B 120 35.42 3.28 17.09
CA ALA B 120 34.95 1.98 17.62
C ALA B 120 34.24 2.28 18.95
N ASP B 121 33.43 1.36 19.48
CA ASP B 121 33.08 1.31 20.94
C ASP B 121 34.36 0.94 21.70
N GLU B 122 34.53 1.45 22.92
CA GLU B 122 35.69 1.15 23.80
C GLU B 122 35.80 -0.36 24.03
N LYS B 123 34.71 -1.02 24.49
CA LYS B 123 34.75 -2.45 24.89
C LYS B 123 34.88 -3.37 23.66
N GLN B 124 34.38 -2.92 22.51
CA GLN B 124 34.46 -3.68 21.23
C GLN B 124 35.90 -3.66 20.70
N LEU B 125 36.55 -2.49 20.74
CA LEU B 125 37.95 -2.30 20.30
C LEU B 125 38.88 -3.25 21.08
N GLU B 126 38.60 -3.52 22.36
CA GLU B 126 39.36 -4.49 23.19
C GLU B 126 39.17 -5.89 22.60
N ILE B 127 37.93 -6.36 22.48
CA ILE B 127 37.60 -7.74 22.00
C ILE B 127 38.24 -7.95 20.63
N LEU B 128 38.32 -6.89 19.81
CA LEU B 128 38.76 -6.99 18.39
C LEU B 128 40.29 -6.83 18.27
N GLN B 129 40.92 -5.93 19.02
CA GLN B 129 42.41 -5.84 19.06
C GLN B 129 42.97 -7.21 19.42
N ASP B 130 42.33 -7.93 20.36
CA ASP B 130 42.63 -9.35 20.68
C ASP B 130 42.53 -10.18 19.39
N LYS B 131 41.33 -10.39 18.84
CA LYS B 131 41.11 -11.21 17.62
C LYS B 131 42.09 -10.82 16.51
N ALA B 132 42.47 -9.55 16.43
CA ALA B 132 43.24 -8.97 15.29
C ALA B 132 44.76 -9.08 15.54
N ASN B 133 45.15 -9.65 16.69
CA ASN B 133 46.55 -10.01 17.05
C ASN B 133 46.92 -11.30 16.31
N PHE B 134 47.81 -11.22 15.32
CA PHE B 134 48.14 -12.33 14.39
C PHE B 134 49.60 -12.79 14.59
N ARG B 135 50.25 -12.30 15.65
CA ARG B 135 51.60 -12.76 16.07
C ARG B 135 51.44 -14.18 16.59
N SER B 136 52.21 -15.12 16.03
CA SER B 136 52.27 -16.56 16.43
C SER B 136 51.17 -17.35 15.73
N PHE B 137 50.21 -16.67 15.09
CA PHE B 137 48.96 -17.31 14.60
C PHE B 137 49.24 -18.03 13.28
N LYS B 138 48.79 -19.28 13.18
CA LYS B 138 48.84 -20.08 11.91
C LYS B 138 47.46 -20.11 11.27
N PRO B 139 47.30 -19.48 10.08
CA PRO B 139 46.06 -19.54 9.32
C PRO B 139 45.50 -20.95 9.20
N LYS B 140 44.20 -21.11 9.45
CA LYS B 140 43.43 -22.34 9.11
C LYS B 140 42.67 -22.06 7.82
N PRO B 141 42.24 -23.07 7.06
CA PRO B 141 41.67 -22.82 5.74
C PRO B 141 40.29 -22.18 5.93
N PHE B 142 39.83 -21.39 4.96
CA PHE B 142 38.65 -20.49 5.07
C PHE B 142 37.82 -20.48 3.78
N ASN B 143 36.51 -20.31 3.96
CA ASN B 143 35.49 -20.47 2.90
C ASN B 143 34.38 -19.44 3.15
N MET B 144 34.09 -18.54 2.22
CA MET B 144 33.01 -17.53 2.44
C MET B 144 31.69 -18.25 2.76
N ARG B 145 31.36 -19.33 2.05
CA ARG B 145 30.07 -20.06 2.23
C ARG B 145 30.00 -20.60 3.66
N GLU B 146 31.07 -21.22 4.14
CA GLU B 146 31.08 -21.74 5.53
C GLU B 146 30.83 -20.57 6.50
N PHE B 147 31.54 -19.47 6.31
CA PHE B 147 31.53 -18.29 7.23
C PHE B 147 30.08 -17.77 7.34
N TYR B 148 29.46 -17.55 6.17
CA TYR B 148 28.05 -17.12 6.06
C TYR B 148 27.20 -18.09 6.87
N ASP B 149 27.31 -19.39 6.58
CA ASP B 149 26.50 -20.43 7.30
C ASP B 149 26.77 -20.34 8.82
N ARG B 150 28.02 -20.18 9.25
CA ARG B 150 28.36 -20.30 10.69
C ARG B 150 28.01 -18.99 11.39
N ALA B 151 28.25 -17.84 10.78
CA ALA B 151 28.18 -16.54 11.46
C ALA B 151 26.83 -15.87 11.21
N GLY B 152 26.13 -16.27 10.15
CA GLY B 152 24.76 -15.79 9.87
C GLY B 152 23.90 -15.97 11.11
N HIS B 153 22.90 -15.11 11.31
CA HIS B 153 21.91 -15.23 12.40
C HIS B 153 21.20 -16.60 12.28
N ASP B 154 20.95 -17.24 13.42
CA ASP B 154 20.31 -18.58 13.48
C ASP B 154 18.80 -18.39 13.66
N ILE B 155 17.97 -18.89 12.73
CA ILE B 155 16.50 -18.81 12.88
C ILE B 155 16.10 -19.39 14.24
N ARG B 156 16.84 -20.39 14.72
CA ARG B 156 16.57 -21.05 16.02
C ARG B 156 16.71 -20.03 17.16
N ASP B 157 17.61 -19.05 17.08
CA ASP B 157 17.75 -17.99 18.12
C ASP B 157 16.80 -16.82 17.85
N MET B 158 16.54 -16.52 16.58
CA MET B 158 15.79 -15.29 16.20
C MET B 158 14.29 -15.54 16.44
N LEU B 159 13.80 -16.74 16.14
CA LEU B 159 12.36 -17.04 16.08
C LEU B 159 11.83 -17.32 17.48
N LEU B 160 11.35 -16.30 18.17
CA LEU B 160 10.75 -16.38 19.53
C LEU B 160 9.39 -17.09 19.48
N SER B 161 8.65 -17.01 18.38
CA SER B 161 7.28 -17.57 18.32
C SER B 161 6.78 -17.59 16.88
N CYS B 162 5.95 -18.55 16.55
CA CYS B 162 5.52 -18.75 15.16
C CYS B 162 4.24 -19.62 15.14
N HIS B 163 3.24 -19.15 14.40
CA HIS B 163 1.91 -19.79 14.25
C HIS B 163 1.43 -19.60 12.84
N PHE B 164 0.76 -20.62 12.31
CA PHE B 164 0.05 -20.53 11.03
C PHE B 164 -1.31 -21.20 11.21
N ARG B 165 -2.40 -20.49 10.85
CA ARG B 165 -3.80 -20.95 11.05
C ARG B 165 -3.87 -21.54 12.45
N GLY B 166 -3.31 -20.84 13.44
CA GLY B 166 -3.45 -21.25 14.85
C GLY B 166 -2.56 -22.41 15.28
N GLU B 167 -2.13 -23.28 14.35
CA GLU B 167 -1.13 -24.35 14.61
C GLU B 167 0.24 -23.72 14.92
N VAL B 168 0.96 -24.27 15.88
CA VAL B 168 2.35 -23.85 16.23
C VAL B 168 3.33 -24.38 15.17
N CYS B 169 4.33 -23.60 14.79
CA CYS B 169 5.50 -24.09 14.01
C CYS B 169 6.79 -23.61 14.68
N SER B 170 7.89 -24.29 14.35
CA SER B 170 9.22 -24.13 14.96
C SER B 170 10.22 -23.76 13.87
N ALA B 171 11.51 -23.69 14.24
CA ALA B 171 12.64 -23.43 13.33
C ALA B 171 12.67 -24.45 12.17
N GLU B 172 12.11 -25.65 12.36
CA GLU B 172 12.18 -26.76 11.38
C GLU B 172 11.24 -26.48 10.22
N ASP B 173 10.34 -25.51 10.35
CA ASP B 173 9.32 -25.17 9.31
C ASP B 173 9.90 -24.14 8.32
N PHE B 174 11.10 -23.65 8.59
CA PHE B 174 11.85 -22.67 7.77
C PHE B 174 13.10 -23.34 7.17
N LYS B 175 13.16 -23.46 5.84
CA LYS B 175 14.32 -23.98 5.07
C LYS B 175 15.34 -22.86 4.87
N VAL B 176 16.64 -23.16 5.03
CA VAL B 176 17.76 -22.20 4.80
C VAL B 176 17.86 -21.91 3.30
N VAL B 177 18.12 -20.65 2.97
CA VAL B 177 18.33 -20.17 1.58
C VAL B 177 19.39 -19.07 1.65
N PHE B 178 20.35 -19.06 0.73
CA PHE B 178 21.40 -18.02 0.70
C PHE B 178 20.98 -16.96 -0.30
N THR B 179 21.13 -15.70 0.11
CA THR B 179 20.82 -14.49 -0.69
C THR B 179 22.00 -13.54 -0.52
N ARG B 180 21.99 -12.39 -1.18
CA ARG B 180 23.10 -11.43 -1.02
C ARG B 180 23.25 -11.03 0.45
N TYR B 181 22.18 -11.03 1.25
CA TYR B 181 22.23 -10.69 2.69
C TYR B 181 22.90 -11.84 3.47
N GLY B 182 22.89 -13.05 2.92
CA GLY B 182 23.60 -14.20 3.50
C GLY B 182 22.63 -15.31 3.88
N LYS B 183 22.71 -15.76 5.14
CA LYS B 183 21.93 -16.92 5.60
C LYS B 183 20.50 -16.47 5.89
N CYS B 184 19.58 -16.74 4.99
CA CYS B 184 18.17 -16.35 5.11
C CYS B 184 17.30 -17.59 5.27
N TYR B 185 16.00 -17.41 5.41
CA TYR B 185 15.08 -18.52 5.70
C TYR B 185 13.79 -18.32 4.90
N THR B 186 13.23 -19.41 4.41
CA THR B 186 11.94 -19.42 3.72
C THR B 186 10.94 -20.30 4.48
N PHE B 187 9.82 -19.71 4.86
CA PHE B 187 8.64 -20.43 5.39
C PHE B 187 7.76 -20.86 4.20
N ASN B 188 7.19 -22.07 4.28
CA ASN B 188 6.30 -22.63 3.24
C ASN B 188 7.03 -22.62 1.89
N SER B 189 8.31 -23.01 1.90
CA SER B 189 9.25 -23.16 0.74
C SER B 189 8.66 -24.06 -0.35
N GLY B 190 7.99 -25.14 0.06
CA GLY B 190 7.51 -26.20 -0.85
C GLY B 190 8.62 -27.17 -1.20
N ARG B 191 9.87 -26.83 -0.86
CA ARG B 191 11.10 -27.63 -1.08
C ARG B 191 11.05 -28.84 -0.12
N ASP B 192 11.87 -29.88 -0.39
CA ASP B 192 11.99 -31.17 0.37
C ASP B 192 10.63 -31.91 0.41
N GLY B 193 9.86 -31.84 -0.68
CA GLY B 193 8.61 -32.59 -0.89
C GLY B 193 7.55 -32.34 0.19
N ARG B 194 7.81 -31.48 1.19
CA ARG B 194 6.77 -31.00 2.15
C ARG B 194 5.66 -30.29 1.38
N PRO B 195 4.38 -30.44 1.79
CA PRO B 195 3.27 -29.93 0.97
C PRO B 195 3.07 -28.44 1.24
N ARG B 196 2.65 -27.70 0.21
CA ARG B 196 2.40 -26.24 0.29
C ARG B 196 1.16 -25.97 1.16
N LEU B 197 1.33 -25.22 2.25
CA LEU B 197 0.25 -24.78 3.16
C LEU B 197 -0.78 -23.94 2.38
N LYS B 198 -2.02 -23.91 2.86
CA LYS B 198 -3.16 -23.25 2.20
C LYS B 198 -3.89 -22.34 3.19
N THR B 199 -4.46 -21.24 2.69
CA THR B 199 -5.30 -20.28 3.43
C THR B 199 -6.75 -20.63 3.13
N MET B 200 -7.61 -20.78 4.14
CA MET B 200 -9.01 -21.21 3.95
C MET B 200 -9.99 -20.05 4.12
N LYS B 201 -9.61 -19.01 4.87
CA LYS B 201 -10.50 -17.88 5.29
C LYS B 201 -9.70 -16.58 5.24
N GLY B 202 -10.40 -15.46 5.11
CA GLY B 202 -9.81 -14.12 5.17
C GLY B 202 -9.45 -13.74 6.60
N GLY B 203 -8.55 -12.76 6.73
CA GLY B 203 -8.19 -12.16 8.02
C GLY B 203 -6.94 -12.77 8.63
N THR B 204 -6.46 -12.14 9.70
CA THR B 204 -5.13 -12.39 10.31
C THR B 204 -5.10 -13.80 10.88
N GLY B 205 -6.23 -14.27 11.42
CA GLY B 205 -6.33 -15.59 12.04
C GLY B 205 -5.95 -16.74 11.12
N ASN B 206 -6.02 -16.57 9.79
CA ASN B 206 -5.75 -17.65 8.82
C ASN B 206 -4.41 -17.42 8.10
N GLY B 207 -3.48 -16.77 8.78
CA GLY B 207 -2.16 -16.45 8.19
C GLY B 207 -1.02 -16.75 9.14
N LEU B 208 0.16 -16.26 8.76
CA LEU B 208 1.41 -16.44 9.50
C LEU B 208 1.51 -15.32 10.53
N GLU B 209 1.99 -15.63 11.73
CA GLU B 209 2.37 -14.63 12.74
C GLU B 209 3.66 -15.09 13.40
N ILE B 210 4.75 -14.35 13.19
CA ILE B 210 6.07 -14.68 13.82
C ILE B 210 6.56 -13.50 14.64
N MET B 211 7.02 -13.79 15.86
CA MET B 211 7.74 -12.83 16.74
C MET B 211 9.24 -13.11 16.59
N LEU B 212 10.06 -12.10 16.25
CA LEU B 212 11.52 -12.26 16.09
C LEU B 212 12.26 -11.39 17.09
N ASP B 213 13.49 -11.80 17.41
CA ASP B 213 14.54 -11.02 18.08
C ASP B 213 15.65 -10.82 17.02
N ILE B 214 15.86 -9.60 16.54
CA ILE B 214 16.82 -9.33 15.43
C ILE B 214 18.26 -9.37 15.95
N GLN B 215 18.44 -9.39 17.27
CA GLN B 215 19.75 -9.55 17.98
C GLN B 215 20.71 -8.40 17.63
N GLN B 216 20.40 -7.17 18.01
CA GLN B 216 21.21 -5.99 17.61
C GLN B 216 22.55 -6.04 18.33
N ASP B 217 22.60 -6.70 19.49
CA ASP B 217 23.84 -6.81 20.27
C ASP B 217 24.80 -7.80 19.56
N GLU B 218 24.38 -8.53 18.54
CA GLU B 218 25.26 -9.39 17.70
C GLU B 218 25.59 -8.68 16.38
N TYR B 219 25.05 -7.51 16.17
CA TYR B 219 25.30 -6.76 14.92
C TYR B 219 26.81 -6.46 14.87
N LEU B 220 27.42 -6.80 13.74
CA LEU B 220 28.85 -6.53 13.50
C LEU B 220 29.05 -5.03 13.54
N PRO B 221 30.05 -4.51 14.28
CA PRO B 221 30.32 -3.07 14.34
C PRO B 221 30.61 -2.51 12.96
N VAL B 222 30.11 -1.30 12.67
CA VAL B 222 30.35 -0.65 11.36
C VAL B 222 31.39 0.44 11.56
N TRP B 223 32.60 0.18 11.04
CA TRP B 223 33.72 1.16 11.05
C TRP B 223 33.98 1.69 9.65
N GLY B 224 33.25 1.23 8.63
CA GLY B 224 33.42 1.69 7.26
C GLY B 224 32.32 1.23 6.35
N GLU B 225 32.22 1.83 5.16
CA GLU B 225 31.17 1.48 4.18
C GLU B 225 31.71 0.35 3.30
N THR B 226 30.90 -0.70 3.14
CA THR B 226 31.10 -1.82 2.19
C THR B 226 29.74 -2.34 1.77
N ASP B 227 29.74 -3.34 0.89
CA ASP B 227 28.49 -3.95 0.37
C ASP B 227 27.95 -4.98 1.38
N GLU B 228 28.66 -5.22 2.48
CA GLU B 228 28.32 -6.30 3.44
C GLU B 228 27.82 -5.68 4.75
N THR B 229 28.09 -4.40 4.97
CA THR B 229 27.64 -3.64 6.17
C THR B 229 26.37 -2.86 5.79
N SER B 230 25.55 -2.54 6.79
CA SER B 230 24.38 -1.64 6.64
C SER B 230 24.26 -0.68 7.83
N PHE B 231 23.65 0.46 7.57
CA PHE B 231 23.34 1.48 8.61
C PHE B 231 22.08 1.06 9.39
N GLU B 232 21.38 0.00 8.99
CA GLU B 232 19.97 -0.21 9.38
C GLU B 232 19.82 -1.47 10.24
N ALA B 233 18.84 -1.50 11.12
CA ALA B 233 18.44 -2.68 11.90
C ALA B 233 17.00 -3.04 11.56
N GLY B 234 16.73 -4.34 11.54
CA GLY B 234 15.45 -4.93 11.15
C GLY B 234 15.68 -6.12 10.25
N ILE B 235 14.66 -6.53 9.51
CA ILE B 235 14.77 -7.65 8.55
C ILE B 235 14.26 -7.18 7.19
N LYS B 236 14.69 -7.85 6.14
CA LYS B 236 14.09 -7.73 4.80
C LYS B 236 13.24 -8.99 4.62
N VAL B 237 12.11 -8.87 3.94
CA VAL B 237 11.10 -9.95 3.76
C VAL B 237 10.69 -9.93 2.30
N GLN B 238 10.53 -11.09 1.69
CA GLN B 238 9.86 -11.18 0.37
C GLN B 238 8.76 -12.24 0.42
N ILE B 239 7.58 -11.87 -0.07
CA ILE B 239 6.45 -12.82 -0.26
C ILE B 239 6.44 -13.17 -1.74
N HIS B 240 6.49 -14.46 -2.07
CA HIS B 240 6.71 -14.92 -3.47
C HIS B 240 6.17 -16.34 -3.66
N SER B 241 5.81 -16.66 -4.90
CA SER B 241 5.45 -18.02 -5.36
C SER B 241 6.57 -18.99 -4.98
N GLN B 242 6.22 -20.24 -4.67
CA GLN B 242 7.23 -21.26 -4.25
C GLN B 242 8.13 -21.60 -5.44
N ASP B 243 7.68 -21.29 -6.66
CA ASP B 243 8.32 -21.61 -7.96
C ASP B 243 9.34 -20.53 -8.36
N GLU B 244 9.43 -19.46 -7.59
CA GLU B 244 10.32 -18.31 -7.80
C GLU B 244 11.41 -18.39 -6.72
N PRO B 245 12.69 -18.26 -7.06
CA PRO B 245 13.73 -18.02 -6.06
C PRO B 245 13.55 -16.61 -5.49
N PRO B 246 13.92 -16.36 -4.23
CA PRO B 246 13.81 -15.02 -3.69
C PRO B 246 14.85 -14.11 -4.33
N PHE B 247 14.53 -12.83 -4.44
CA PHE B 247 15.43 -11.77 -4.95
C PHE B 247 15.37 -10.62 -3.96
N ILE B 248 15.69 -10.95 -2.72
CA ILE B 248 15.18 -10.20 -1.55
C ILE B 248 15.83 -8.81 -1.45
N ASP B 249 17.07 -8.62 -1.91
CA ASP B 249 17.78 -7.32 -1.78
C ASP B 249 17.20 -6.30 -2.77
N GLN B 250 16.59 -6.76 -3.86
CA GLN B 250 16.07 -5.87 -4.92
C GLN B 250 14.55 -5.71 -4.77
N LEU B 251 13.83 -6.78 -4.44
CA LEU B 251 12.34 -6.80 -4.54
C LEU B 251 11.68 -6.94 -3.18
N GLY B 252 12.46 -7.00 -2.11
CA GLY B 252 11.91 -7.17 -0.76
C GLY B 252 11.33 -5.89 -0.21
N PHE B 253 10.59 -6.06 0.88
CA PHE B 253 10.10 -4.99 1.78
C PHE B 253 10.77 -5.11 3.14
N GLY B 254 10.76 -4.02 3.88
CA GLY B 254 11.42 -3.92 5.19
C GLY B 254 10.45 -4.05 6.34
N VAL B 255 10.92 -4.58 7.45
CA VAL B 255 10.13 -4.71 8.71
C VAL B 255 11.01 -4.25 9.84
N ALA B 256 10.55 -3.25 10.58
CA ALA B 256 11.35 -2.60 11.63
C ALA B 256 11.13 -3.29 12.96
N PRO B 257 12.14 -3.24 13.85
CA PRO B 257 11.99 -3.70 15.23
C PRO B 257 11.07 -2.71 15.97
N GLY B 258 10.42 -3.16 17.03
CA GLY B 258 9.62 -2.29 17.90
C GLY B 258 8.24 -2.02 17.32
N PHE B 259 7.79 -2.87 16.43
CA PHE B 259 6.44 -2.81 15.83
C PHE B 259 5.93 -4.22 15.51
N GLN B 260 4.64 -4.39 15.75
CA GLN B 260 3.84 -5.43 15.05
C GLN B 260 3.43 -4.85 13.71
N THR B 261 3.76 -5.55 12.62
CA THR B 261 3.55 -5.09 11.24
C THR B 261 2.55 -6.03 10.60
N PHE B 262 1.39 -5.53 10.19
CA PHE B 262 0.36 -6.31 9.46
C PHE B 262 0.64 -6.13 7.97
N VAL B 263 0.74 -7.24 7.25
CA VAL B 263 0.83 -7.28 5.77
C VAL B 263 -0.37 -8.04 5.22
N ALA B 264 -1.37 -7.31 4.71
CA ALA B 264 -2.59 -7.88 4.12
C ALA B 264 -2.44 -8.01 2.60
N CYS B 265 -2.50 -9.24 2.10
CA CYS B 265 -2.14 -9.60 0.71
C CYS B 265 -3.36 -9.90 -0.15
N GLN B 266 -3.13 -9.87 -1.46
CA GLN B 266 -4.11 -10.15 -2.55
C GLN B 266 -3.34 -10.90 -3.64
N GLU B 267 -3.80 -12.08 -4.06
CA GLU B 267 -3.12 -12.86 -5.14
C GLU B 267 -3.56 -12.28 -6.48
N GLN B 268 -2.62 -11.90 -7.34
CA GLN B 268 -2.88 -11.39 -8.71
C GLN B 268 -2.23 -12.40 -9.65
N ARG B 269 -2.99 -13.00 -10.57
CA ARG B 269 -2.48 -14.02 -11.54
C ARG B 269 -2.52 -13.41 -12.93
N LEU B 270 -1.36 -13.35 -13.59
CA LEU B 270 -1.22 -12.66 -14.90
C LEU B 270 -0.85 -13.68 -15.97
N ILE B 271 -1.61 -13.74 -17.06
CA ILE B 271 -1.24 -14.50 -18.29
C ILE B 271 -0.93 -13.52 -19.42
N TYR B 272 0.16 -13.80 -20.14
CA TYR B 272 0.71 -13.04 -21.29
C TYR B 272 0.85 -14.01 -22.47
N LEU B 273 0.89 -13.46 -23.68
CA LEU B 273 0.99 -14.25 -24.94
C LEU B 273 2.38 -14.06 -25.54
N PRO B 274 2.97 -15.15 -26.10
CA PRO B 274 4.32 -15.13 -26.65
C PRO B 274 4.34 -14.36 -27.97
N PRO B 275 5.52 -14.15 -28.60
CA PRO B 275 5.55 -13.56 -29.94
C PRO B 275 4.85 -14.56 -30.86
N PRO B 276 4.11 -14.09 -31.89
CA PRO B 276 4.08 -12.67 -32.26
C PRO B 276 3.04 -11.76 -31.60
N TRP B 277 2.18 -12.29 -30.71
CA TRP B 277 1.08 -11.56 -30.03
C TRP B 277 1.62 -10.63 -28.95
N GLY B 278 2.67 -11.07 -28.22
CA GLY B 278 3.36 -10.30 -27.16
C GLY B 278 4.84 -10.64 -27.12
N THR B 279 5.48 -10.40 -25.97
CA THR B 279 6.96 -10.44 -25.79
C THR B 279 7.37 -11.47 -24.74
N CYS B 280 6.45 -12.28 -24.22
CA CYS B 280 6.74 -13.20 -23.09
C CYS B 280 7.55 -14.41 -23.59
N LYS B 281 7.84 -15.36 -22.71
CA LYS B 281 8.67 -16.58 -22.96
C LYS B 281 7.99 -17.74 -22.24
N ALA B 282 7.34 -18.65 -22.98
CA ALA B 282 6.49 -19.74 -22.43
C ALA B 282 7.31 -20.53 -21.40
N VAL B 283 6.70 -20.87 -20.26
CA VAL B 283 7.32 -21.73 -19.21
C VAL B 283 7.10 -23.17 -19.67
N THR B 284 8.16 -23.98 -19.79
CA THR B 284 8.07 -25.34 -20.40
C THR B 284 8.76 -26.36 -19.50
N MET B 285 8.98 -27.57 -20.02
CA MET B 285 9.77 -28.68 -19.42
C MET B 285 11.27 -28.33 -19.47
N ASP B 286 11.65 -27.57 -20.50
CA ASP B 286 13.01 -26.98 -20.67
C ASP B 286 12.95 -25.48 -20.29
N SER B 287 13.39 -25.14 -19.07
CA SER B 287 13.52 -23.75 -18.51
C SER B 287 14.28 -22.82 -19.46
N ASP B 288 15.28 -23.35 -20.16
CA ASP B 288 16.15 -22.59 -21.09
C ASP B 288 17.19 -21.81 -20.28
N LEU B 289 17.33 -22.10 -18.99
CA LEU B 289 18.30 -21.43 -18.07
C LEU B 289 19.34 -22.45 -17.62
N ASP B 290 20.61 -22.08 -17.67
CA ASP B 290 21.74 -22.96 -17.26
C ASP B 290 21.44 -23.57 -15.89
N PHE B 291 20.92 -22.81 -14.91
CA PHE B 291 20.92 -23.26 -13.50
C PHE B 291 19.52 -23.31 -12.85
N PHE B 292 18.43 -23.33 -13.61
CA PHE B 292 17.07 -23.34 -13.01
C PHE B 292 16.14 -24.27 -13.80
N ASP B 293 15.21 -24.89 -13.07
CA ASP B 293 14.16 -25.82 -13.55
C ASP B 293 13.10 -25.08 -14.38
N SER B 294 12.65 -23.91 -13.91
CA SER B 294 11.50 -23.15 -14.46
C SER B 294 11.93 -21.72 -14.77
N TYR B 295 11.37 -21.11 -15.82
CA TYR B 295 11.65 -19.70 -16.13
C TYR B 295 10.90 -18.80 -15.14
N SER B 296 11.51 -17.65 -14.83
CA SER B 296 11.03 -16.58 -13.90
C SER B 296 12.03 -15.44 -13.99
N ILE B 297 11.55 -14.19 -14.04
CA ILE B 297 12.44 -13.00 -14.10
C ILE B 297 13.57 -13.24 -13.07
N THR B 298 13.18 -13.58 -11.84
CA THR B 298 14.16 -13.74 -10.75
C THR B 298 15.19 -14.81 -11.14
N ALA B 299 14.73 -16.00 -11.55
CA ALA B 299 15.65 -17.10 -11.93
C ALA B 299 16.54 -16.62 -13.07
N CYS B 300 15.93 -16.03 -14.08
CA CYS B 300 16.61 -15.53 -15.28
C CYS B 300 17.74 -14.58 -14.87
N ARG B 301 17.46 -13.69 -13.90
CA ARG B 301 18.41 -12.63 -13.47
C ARG B 301 19.57 -13.24 -12.70
N ILE B 302 19.27 -14.16 -11.77
CA ILE B 302 20.29 -14.82 -10.92
C ILE B 302 21.19 -15.64 -11.84
N ASP B 303 20.60 -16.31 -12.84
CA ASP B 303 21.34 -17.07 -13.86
C ASP B 303 22.36 -16.12 -14.50
N CYS B 304 21.84 -15.13 -15.20
CA CYS B 304 22.63 -14.08 -15.90
C CYS B 304 23.72 -13.51 -14.95
N GLU B 305 23.41 -13.25 -13.69
CA GLU B 305 24.39 -12.68 -12.72
C GLU B 305 25.51 -13.70 -12.51
N THR B 306 25.14 -14.95 -12.33
CA THR B 306 26.10 -16.05 -12.05
C THR B 306 27.06 -16.20 -13.22
N ARG B 307 26.52 -16.18 -14.44
CA ARG B 307 27.31 -16.32 -15.68
C ARG B 307 28.33 -15.20 -15.71
N TYR B 308 27.85 -13.96 -15.59
CA TYR B 308 28.66 -12.71 -15.67
C TYR B 308 29.81 -12.74 -14.68
N LEU B 309 29.63 -13.24 -13.45
CA LEU B 309 30.70 -13.12 -12.43
C LEU B 309 31.73 -14.19 -12.68
N VAL B 310 31.29 -15.35 -13.14
CA VAL B 310 32.17 -16.49 -13.45
C VAL B 310 33.08 -16.07 -14.60
N GLU B 311 32.50 -15.52 -15.68
CA GLU B 311 33.20 -14.99 -16.88
C GLU B 311 34.24 -13.96 -16.44
N ASN B 312 33.84 -12.96 -15.65
CA ASN B 312 34.66 -11.75 -15.39
C ASN B 312 35.50 -11.91 -14.11
N CYS B 313 35.23 -12.89 -13.25
CA CYS B 313 35.90 -13.01 -11.91
C CYS B 313 36.45 -14.41 -11.66
N ASN B 314 36.00 -15.43 -12.41
CA ASN B 314 36.43 -16.85 -12.25
C ASN B 314 36.05 -17.31 -10.84
N CYS B 315 34.88 -16.86 -10.36
CA CYS B 315 34.22 -17.33 -9.12
C CYS B 315 32.74 -16.95 -9.14
N ARG B 316 31.96 -17.57 -8.27
CA ARG B 316 30.54 -17.20 -7.98
C ARG B 316 30.47 -16.73 -6.53
N MET B 317 29.45 -15.92 -6.21
CA MET B 317 29.16 -15.50 -4.81
C MET B 317 28.43 -16.64 -4.10
N VAL B 318 28.55 -16.74 -2.78
CA VAL B 318 28.06 -17.92 -1.99
C VAL B 318 26.58 -18.19 -2.29
N HIS B 319 25.83 -17.21 -2.77
CA HIS B 319 24.36 -17.34 -2.98
C HIS B 319 24.02 -17.69 -4.42
N MET B 320 25.00 -17.78 -5.31
CA MET B 320 24.73 -18.10 -6.75
C MET B 320 24.82 -19.60 -6.94
N PRO B 321 24.05 -20.15 -7.91
CA PRO B 321 24.12 -21.56 -8.25
C PRO B 321 25.35 -21.90 -9.11
N GLY B 322 25.38 -23.12 -9.64
CA GLY B 322 26.51 -23.66 -10.42
C GLY B 322 27.54 -24.33 -9.54
N ASP B 323 28.69 -24.66 -10.13
CA ASP B 323 29.76 -25.48 -9.51
C ASP B 323 31.08 -24.70 -9.58
N ALA B 324 31.05 -23.43 -9.97
CA ALA B 324 32.24 -22.55 -9.96
C ALA B 324 32.76 -22.44 -8.53
N PRO B 325 34.04 -22.07 -8.32
CA PRO B 325 34.54 -21.92 -6.96
C PRO B 325 33.88 -20.70 -6.29
N TYR B 326 33.74 -20.72 -4.97
CA TYR B 326 33.21 -19.56 -4.21
C TYR B 326 34.28 -18.48 -4.21
N CYS B 327 33.89 -17.21 -4.35
CA CYS B 327 34.81 -16.05 -4.28
C CYS B 327 35.48 -16.00 -2.90
N THR B 328 36.72 -15.53 -2.84
CA THR B 328 37.43 -15.25 -1.58
C THR B 328 37.11 -13.82 -1.15
N PRO B 329 37.25 -13.48 0.14
CA PRO B 329 37.14 -12.10 0.57
C PRO B 329 37.80 -11.16 -0.46
N GLU B 330 39.04 -11.45 -0.87
CA GLU B 330 39.78 -10.55 -1.80
C GLU B 330 38.96 -10.43 -3.08
N GLN B 331 38.45 -11.54 -3.60
CA GLN B 331 37.72 -11.54 -4.89
C GLN B 331 36.39 -10.79 -4.74
N TYR B 332 35.69 -11.01 -3.61
CA TYR B 332 34.44 -10.30 -3.25
C TYR B 332 34.69 -8.81 -3.41
N LYS B 333 35.63 -8.28 -2.63
CA LYS B 333 36.00 -6.84 -2.56
C LYS B 333 36.45 -6.31 -3.92
N GLU B 334 37.39 -7.01 -4.59
CA GLU B 334 38.11 -6.48 -5.79
C GLU B 334 37.26 -6.66 -7.06
N CYS B 335 36.60 -7.79 -7.24
CA CYS B 335 36.02 -8.17 -8.56
C CYS B 335 34.49 -8.29 -8.43
N ALA B 336 34.02 -9.12 -7.49
CA ALA B 336 32.65 -9.67 -7.50
C ALA B 336 31.62 -8.63 -7.04
N ASP B 337 31.84 -8.01 -5.87
CA ASP B 337 30.96 -6.94 -5.33
C ASP B 337 30.84 -5.85 -6.39
N PRO B 338 31.94 -5.26 -6.90
CA PRO B 338 31.83 -4.23 -7.94
C PRO B 338 31.14 -4.71 -9.20
N ALA B 339 31.40 -5.95 -9.63
CA ALA B 339 30.86 -6.55 -10.86
C ALA B 339 29.34 -6.65 -10.76
N LEU B 340 28.86 -7.12 -9.62
CA LEU B 340 27.43 -7.40 -9.40
C LEU B 340 26.70 -6.06 -9.31
N ASP B 341 27.33 -5.09 -8.66
CA ASP B 341 26.80 -3.70 -8.57
C ASP B 341 26.74 -3.13 -10.00
N PHE B 342 27.87 -3.14 -10.72
CA PHE B 342 27.91 -2.73 -12.15
C PHE B 342 26.70 -3.33 -12.86
N LEU B 343 26.47 -4.61 -12.64
CA LEU B 343 25.47 -5.36 -13.44
C LEU B 343 24.06 -4.84 -13.13
N VAL B 344 23.64 -4.78 -11.86
CA VAL B 344 22.23 -4.46 -11.49
C VAL B 344 21.98 -2.94 -11.56
N GLU B 345 22.99 -2.10 -11.83
CA GLU B 345 22.83 -0.62 -11.74
C GLU B 345 22.98 -0.03 -13.15
N LYS B 346 24.14 -0.26 -13.77
CA LYS B 346 24.56 0.38 -15.04
C LYS B 346 24.27 -0.55 -16.22
N ASP B 347 25.08 -1.59 -16.47
CA ASP B 347 24.97 -2.45 -17.68
C ASP B 347 23.51 -2.60 -18.14
N GLN B 348 23.26 -2.37 -19.43
CA GLN B 348 21.94 -2.58 -20.08
C GLN B 348 22.00 -3.64 -21.19
N GLU B 349 23.18 -4.14 -21.54
CA GLU B 349 23.35 -5.03 -22.72
C GLU B 349 23.23 -6.49 -22.27
N TYR B 350 24.00 -6.88 -21.24
CA TYR B 350 24.35 -8.30 -20.94
C TYR B 350 23.12 -9.10 -20.49
N CYS B 351 22.21 -8.52 -19.70
CA CYS B 351 21.05 -9.25 -19.07
C CYS B 351 19.75 -8.97 -19.82
N VAL B 352 19.42 -9.81 -20.82
CA VAL B 352 18.15 -9.74 -21.58
C VAL B 352 17.17 -10.73 -20.95
N CYS B 353 16.28 -10.27 -20.05
CA CYS B 353 15.34 -11.15 -19.31
C CYS B 353 13.90 -10.71 -19.57
N GLU B 354 13.19 -11.49 -20.37
CA GLU B 354 11.83 -11.15 -20.86
C GLU B 354 10.78 -11.75 -19.90
N MET B 355 9.59 -11.14 -19.90
CA MET B 355 8.42 -11.56 -19.10
C MET B 355 8.17 -13.06 -19.24
N PRO B 356 7.85 -13.77 -18.15
CA PRO B 356 7.22 -15.09 -18.26
C PRO B 356 5.77 -14.91 -18.72
N CYS B 357 5.12 -15.99 -19.17
CA CYS B 357 3.73 -15.95 -19.69
C CYS B 357 2.75 -16.23 -18.55
N ASN B 358 3.14 -17.08 -17.62
CA ASN B 358 2.41 -17.39 -16.36
C ASN B 358 3.17 -16.67 -15.24
N LEU B 359 2.46 -16.04 -14.30
CA LEU B 359 3.09 -15.10 -13.33
C LEU B 359 2.14 -14.77 -12.18
N THR B 360 2.63 -14.85 -10.94
CA THR B 360 1.85 -14.54 -9.72
C THR B 360 2.47 -13.36 -8.98
N ARG B 361 1.65 -12.35 -8.70
CA ARG B 361 2.01 -11.09 -8.01
C ARG B 361 1.25 -11.05 -6.68
N TYR B 362 1.77 -10.37 -5.66
CA TYR B 362 1.08 -10.19 -4.36
C TYR B 362 0.98 -8.69 -4.06
N GLY B 363 -0.24 -8.15 -4.16
CA GLY B 363 -0.59 -6.83 -3.60
C GLY B 363 -0.53 -6.87 -2.09
N LYS B 364 -0.02 -5.82 -1.46
CA LYS B 364 0.27 -5.80 0.00
C LYS B 364 -0.18 -4.44 0.55
N GLU B 365 -0.84 -4.44 1.71
CA GLU B 365 -1.06 -3.22 2.52
C GLU B 365 -0.38 -3.42 3.87
N LEU B 366 0.68 -2.65 4.15
CA LEU B 366 1.33 -2.66 5.50
C LEU B 366 0.74 -1.59 6.41
N SER B 367 0.70 -1.90 7.69
CA SER B 367 0.25 -1.05 8.81
C SER B 367 1.02 -1.51 10.05
N MET B 368 1.15 -0.70 11.08
CA MET B 368 1.90 -1.19 12.26
C MET B 368 1.37 -0.58 13.55
N VAL B 369 1.66 -1.24 14.67
CA VAL B 369 1.42 -0.75 16.06
C VAL B 369 2.70 -0.97 16.85
N LYS B 370 2.85 -0.27 17.96
CA LYS B 370 4.11 -0.27 18.74
C LYS B 370 4.15 -1.58 19.53
N ILE B 371 5.34 -2.14 19.72
CA ILE B 371 5.60 -3.23 20.70
C ILE B 371 6.94 -2.93 21.35
N PRO B 372 7.07 -3.06 22.68
CA PRO B 372 5.97 -3.42 23.56
C PRO B 372 5.22 -2.19 24.11
N SER B 373 3.95 -2.39 24.52
CA SER B 373 3.17 -1.47 25.39
C SER B 373 3.96 -1.30 26.67
N LYS B 374 3.86 -0.14 27.33
CA LYS B 374 4.50 0.08 28.66
C LYS B 374 4.12 -1.08 29.59
N ALA B 375 2.87 -1.54 29.50
CA ALA B 375 2.32 -2.61 30.34
C ALA B 375 3.04 -3.95 30.07
N SER B 376 3.32 -4.26 28.81
CA SER B 376 3.75 -5.62 28.40
C SER B 376 5.26 -5.78 28.52
N ALA B 377 6.00 -4.68 28.68
CA ALA B 377 7.46 -4.63 28.54
C ALA B 377 8.10 -5.58 29.55
N LYS B 378 7.70 -5.47 30.82
CA LYS B 378 8.37 -6.26 31.88
C LYS B 378 8.07 -7.75 31.63
N TYR B 379 6.85 -8.10 31.25
CA TYR B 379 6.51 -9.53 30.98
C TYR B 379 7.43 -10.05 29.88
N LEU B 380 7.63 -9.30 28.80
CA LEU B 380 8.41 -9.80 27.63
C LEU B 380 9.87 -9.92 28.03
N ALA B 381 10.36 -8.98 28.82
CA ALA B 381 11.75 -8.96 29.33
C ALA B 381 11.97 -10.25 30.09
N LYS B 382 11.08 -10.53 31.05
CA LYS B 382 11.18 -11.73 31.91
C LYS B 382 10.98 -12.99 31.06
N LYS B 383 10.02 -13.01 30.14
CA LYS B 383 9.70 -14.25 29.41
C LYS B 383 10.93 -14.70 28.62
N PHE B 384 11.86 -13.80 28.28
CA PHE B 384 12.95 -14.06 27.30
C PHE B 384 14.32 -13.70 27.92
N ASN B 385 14.38 -13.50 29.23
CA ASN B 385 15.63 -13.19 29.99
C ASN B 385 16.41 -12.12 29.21
N LYS B 386 15.76 -11.00 28.88
CA LYS B 386 16.43 -9.81 28.28
C LYS B 386 16.01 -8.57 29.07
N SER B 387 16.72 -7.45 28.90
CA SER B 387 16.39 -6.16 29.56
C SER B 387 15.10 -5.60 28.96
N GLU B 388 14.42 -4.67 29.63
CA GLU B 388 13.23 -4.01 29.04
C GLU B 388 13.70 -3.19 27.84
N GLN B 389 14.82 -2.49 27.96
CA GLN B 389 15.38 -1.64 26.88
C GLN B 389 15.63 -2.50 25.64
N TYR B 390 16.25 -3.67 25.84
CA TYR B 390 16.58 -4.64 24.76
C TYR B 390 15.31 -5.00 23.98
N ILE B 391 14.21 -5.23 24.70
CA ILE B 391 12.93 -5.69 24.09
C ILE B 391 12.48 -4.61 23.11
N GLY B 392 12.51 -3.36 23.56
CA GLY B 392 12.14 -2.21 22.73
C GLY B 392 12.93 -2.19 21.44
N GLU B 393 14.23 -2.51 21.51
CA GLU B 393 15.21 -2.32 20.40
C GLU B 393 15.22 -3.51 19.45
N ASN B 394 14.76 -4.71 19.86
CA ASN B 394 15.06 -5.96 19.10
C ASN B 394 13.83 -6.80 18.75
N ILE B 395 12.71 -6.66 19.47
CA ILE B 395 11.53 -7.53 19.24
C ILE B 395 10.70 -6.95 18.11
N LEU B 396 10.23 -7.79 17.22
CA LEU B 396 9.17 -7.40 16.25
C LEU B 396 8.18 -8.54 16.06
N VAL B 397 7.01 -8.20 15.55
CA VAL B 397 5.99 -9.20 15.14
C VAL B 397 5.57 -8.90 13.71
N LEU B 398 5.37 -9.95 12.92
CA LEU B 398 5.01 -9.88 11.50
C LEU B 398 3.79 -10.79 11.30
N ASP B 399 2.69 -10.25 10.79
CA ASP B 399 1.49 -11.02 10.40
C ASP B 399 1.31 -10.88 8.89
N ILE B 400 1.37 -11.99 8.18
CA ILE B 400 1.11 -12.03 6.73
C ILE B 400 -0.15 -12.84 6.57
N PHE B 401 -1.11 -12.31 5.83
CA PHE B 401 -2.47 -12.90 5.69
C PHE B 401 -3.17 -12.29 4.48
N PHE B 402 -4.25 -12.91 4.03
CA PHE B 402 -5.01 -12.46 2.84
C PHE B 402 -6.26 -11.76 3.33
N GLU B 403 -6.63 -10.66 2.66
CA GLU B 403 -7.82 -9.84 2.99
C GLU B 403 -9.06 -10.68 2.64
N VAL B 404 -9.08 -11.32 1.47
CA VAL B 404 -10.30 -12.02 0.94
C VAL B 404 -9.91 -13.23 0.05
N LEU B 405 -10.68 -14.30 0.19
CA LEU B 405 -10.61 -15.56 -0.61
C LEU B 405 -10.90 -15.23 -2.08
N ASN B 406 -9.96 -14.53 -2.69
CA ASN B 406 -10.12 -13.97 -4.06
C ASN B 406 -8.71 -13.69 -4.60
N TYR B 407 -8.56 -14.05 -5.88
CA TYR B 407 -7.45 -13.62 -6.75
C TYR B 407 -8.03 -12.88 -7.96
N GLU B 408 -7.41 -11.75 -8.28
CA GLU B 408 -7.55 -11.03 -9.58
C GLU B 408 -6.84 -11.89 -10.61
N THR B 409 -7.44 -12.13 -11.78
CA THR B 409 -6.74 -12.71 -12.95
C THR B 409 -6.73 -11.66 -14.06
N ILE B 410 -5.59 -11.54 -14.75
CA ILE B 410 -5.47 -10.70 -15.97
C ILE B 410 -4.83 -11.54 -17.06
N GLU B 411 -5.67 -12.19 -17.89
CA GLU B 411 -5.28 -13.13 -18.99
C GLU B 411 -5.37 -12.39 -20.32
N GLN B 412 -4.25 -12.35 -21.06
CA GLN B 412 -4.22 -12.03 -22.51
C GLN B 412 -4.75 -13.28 -23.24
N LYS B 413 -5.71 -13.11 -24.14
CA LYS B 413 -6.24 -14.16 -25.04
C LYS B 413 -6.01 -13.72 -26.48
N LYS B 414 -5.74 -14.68 -27.37
CA LYS B 414 -5.59 -14.43 -28.83
C LYS B 414 -6.87 -13.76 -29.32
N ALA B 415 -6.75 -12.66 -30.04
CA ALA B 415 -7.90 -11.83 -30.52
C ALA B 415 -8.71 -12.61 -31.55
N TYR B 416 -8.01 -13.06 -32.60
CA TYR B 416 -8.55 -13.73 -33.80
C TYR B 416 -7.71 -14.99 -34.03
N GLU B 417 -8.21 -16.14 -33.58
CA GLU B 417 -7.54 -17.46 -33.68
C GLU B 417 -7.38 -17.82 -35.18
N ILE B 418 -6.41 -18.66 -35.54
CA ILE B 418 -6.16 -19.11 -36.94
C ILE B 418 -7.31 -20.02 -37.42
N ALA B 419 -7.86 -20.85 -36.53
CA ALA B 419 -9.03 -21.72 -36.76
C ALA B 419 -10.22 -20.88 -37.24
N GLY B 420 -10.58 -19.85 -36.49
CA GLY B 420 -11.70 -18.94 -36.78
C GLY B 420 -11.48 -18.10 -38.04
N LEU B 421 -10.27 -18.03 -38.59
CA LEU B 421 -9.98 -17.36 -39.91
C LEU B 421 -10.46 -18.25 -41.06
N LEU B 422 -10.21 -19.57 -40.98
CA LEU B 422 -10.64 -20.55 -42.00
C LEU B 422 -12.16 -20.79 -41.88
N GLY B 423 -12.77 -20.44 -40.74
CA GLY B 423 -14.23 -20.48 -40.50
C GLY B 423 -14.96 -19.23 -40.99
N ASP B 424 -14.23 -18.17 -41.34
CA ASP B 424 -14.77 -16.97 -42.06
C ASP B 424 -14.50 -17.13 -43.55
N ILE B 425 -13.26 -17.48 -43.94
CA ILE B 425 -12.84 -17.74 -45.36
C ILE B 425 -13.69 -18.90 -45.94
N GLY B 426 -14.11 -19.86 -45.12
CA GLY B 426 -14.99 -20.97 -45.50
C GLY B 426 -16.42 -20.50 -45.80
N GLY B 427 -16.89 -19.47 -45.09
CA GLY B 427 -18.22 -18.85 -45.25
C GLY B 427 -18.25 -17.81 -46.36
N GLN B 428 -17.12 -17.18 -46.68
CA GLN B 428 -17.01 -16.30 -47.88
C GLN B 428 -16.84 -17.15 -49.13
N MET B 429 -16.14 -18.30 -49.05
CA MET B 429 -15.94 -19.27 -50.15
C MET B 429 -17.26 -20.02 -50.47
N GLY B 430 -18.21 -20.04 -49.52
CA GLY B 430 -19.50 -20.74 -49.61
C GLY B 430 -20.60 -19.96 -50.35
N LEU B 431 -20.50 -18.63 -50.48
CA LEU B 431 -21.58 -17.79 -51.10
C LEU B 431 -21.21 -17.32 -52.51
N PHE B 432 -19.94 -17.22 -52.88
CA PHE B 432 -19.53 -16.99 -54.30
C PHE B 432 -19.49 -18.33 -55.04
N ILE B 433 -19.41 -19.47 -54.32
CA ILE B 433 -19.68 -20.83 -54.87
C ILE B 433 -21.20 -21.02 -55.01
N GLY B 434 -22.01 -20.24 -54.28
CA GLY B 434 -23.47 -20.11 -54.48
C GLY B 434 -23.84 -19.11 -55.57
N ALA B 435 -22.91 -18.21 -55.94
CA ALA B 435 -23.03 -17.14 -56.98
C ALA B 435 -22.51 -17.64 -58.33
N SER B 436 -21.60 -18.63 -58.36
CA SER B 436 -21.10 -19.30 -59.60
C SER B 436 -22.00 -20.49 -59.94
N ILE B 437 -22.78 -21.00 -58.97
CA ILE B 437 -23.89 -21.99 -59.15
C ILE B 437 -25.00 -21.34 -60.00
N LEU B 438 -25.40 -20.08 -59.72
CA LEU B 438 -26.43 -19.33 -60.50
C LEU B 438 -25.88 -19.03 -61.91
N THR B 439 -24.66 -18.46 -62.00
CA THR B 439 -23.92 -18.20 -63.27
C THR B 439 -22.75 -19.18 -63.36
N ALA C 37 -31.87 -28.52 -56.21
CA ALA C 37 -30.43 -28.66 -55.88
C ALA C 37 -30.28 -29.39 -54.52
N LEU C 38 -29.09 -29.35 -53.92
CA LEU C 38 -28.73 -29.95 -52.60
C LEU C 38 -28.92 -28.92 -51.45
N CYS C 39 -29.27 -27.67 -51.79
CA CYS C 39 -29.13 -26.45 -50.94
C CYS C 39 -30.11 -26.45 -49.77
N PHE C 40 -31.33 -26.99 -49.93
CA PHE C 40 -32.38 -27.07 -48.87
C PHE C 40 -32.04 -28.14 -47.82
N LEU C 41 -31.37 -29.24 -48.22
CA LEU C 41 -30.84 -30.28 -47.30
C LEU C 41 -29.59 -29.76 -46.57
N GLY C 42 -28.75 -28.95 -47.23
CA GLY C 42 -27.47 -28.45 -46.70
C GLY C 42 -27.62 -27.12 -45.97
N SER C 43 -28.80 -26.49 -46.06
CA SER C 43 -29.21 -25.27 -45.32
C SER C 43 -29.91 -25.63 -44.01
N LEU C 44 -30.61 -26.79 -43.96
CA LEU C 44 -31.22 -27.37 -42.73
C LEU C 44 -30.13 -28.04 -41.89
N ALA C 45 -29.17 -28.70 -42.52
CA ALA C 45 -28.05 -29.41 -41.84
C ALA C 45 -27.16 -28.40 -41.11
N VAL C 46 -26.98 -27.20 -41.68
CA VAL C 46 -26.05 -26.17 -41.12
C VAL C 46 -26.80 -25.31 -40.08
N LEU C 47 -28.07 -25.01 -40.30
CA LEU C 47 -28.92 -24.17 -39.38
C LEU C 47 -29.10 -24.88 -38.03
N LEU C 48 -29.59 -26.12 -38.03
CA LEU C 48 -29.95 -26.87 -36.79
C LEU C 48 -28.68 -27.25 -36.02
N CYS C 49 -27.53 -27.39 -36.70
CA CYS C 49 -26.23 -27.75 -36.07
C CYS C 49 -25.60 -26.51 -35.42
N VAL C 50 -25.58 -25.36 -36.10
CA VAL C 50 -25.02 -24.06 -35.60
C VAL C 50 -25.97 -23.49 -34.52
N CYS C 51 -27.27 -23.76 -34.63
CA CYS C 51 -28.31 -23.37 -33.64
C CYS C 51 -28.05 -24.04 -32.28
N THR C 52 -27.57 -25.28 -32.26
CA THR C 52 -27.28 -26.09 -31.03
C THR C 52 -25.86 -25.78 -30.50
N GLU C 53 -25.03 -25.04 -31.23
CA GLU C 53 -23.72 -24.49 -30.74
C GLU C 53 -23.94 -23.16 -30.00
N ARG C 54 -24.97 -22.39 -30.39
CA ARG C 54 -25.44 -21.17 -29.68
C ARG C 54 -26.38 -21.53 -28.53
N VAL C 55 -26.66 -22.82 -28.31
CA VAL C 55 -27.48 -23.33 -27.18
C VAL C 55 -26.54 -24.02 -26.19
N GLN C 56 -25.43 -24.60 -26.68
CA GLN C 56 -24.37 -25.21 -25.82
C GLN C 56 -23.53 -24.09 -25.18
N TYR C 57 -23.46 -22.92 -25.82
CA TYR C 57 -22.78 -21.71 -25.28
C TYR C 57 -23.60 -21.14 -24.13
N TYR C 58 -24.92 -20.96 -24.37
CA TYR C 58 -25.87 -20.40 -23.38
C TYR C 58 -25.91 -21.28 -22.12
N PHE C 59 -25.89 -22.61 -22.28
CA PHE C 59 -26.07 -23.59 -21.17
C PHE C 59 -24.76 -23.76 -20.38
N HIS C 60 -23.61 -23.37 -20.94
CA HIS C 60 -22.33 -23.19 -20.22
C HIS C 60 -22.44 -22.02 -19.24
N TYR C 61 -23.33 -21.05 -19.54
CA TYR C 61 -23.71 -19.89 -18.68
C TYR C 61 -22.46 -19.02 -18.42
N HIS C 62 -21.68 -18.75 -19.47
CA HIS C 62 -20.54 -17.81 -19.45
C HIS C 62 -20.96 -16.47 -18.84
N HIS C 63 -19.96 -15.73 -18.32
CA HIS C 63 -20.06 -14.33 -17.86
C HIS C 63 -18.90 -13.53 -18.46
N VAL C 64 -19.02 -12.20 -18.48
CA VAL C 64 -17.94 -11.30 -18.97
C VAL C 64 -17.82 -10.15 -17.97
N THR C 65 -16.60 -9.67 -17.71
CA THR C 65 -16.30 -8.70 -16.62
C THR C 65 -15.98 -7.34 -17.24
N LYS C 66 -16.76 -6.31 -16.91
CA LYS C 66 -16.55 -4.92 -17.40
C LYS C 66 -15.87 -4.12 -16.30
N LEU C 67 -14.72 -3.56 -16.63
CA LEU C 67 -13.93 -2.65 -15.75
C LEU C 67 -14.28 -1.22 -16.16
N ASP C 68 -14.42 -0.31 -15.21
CA ASP C 68 -14.55 1.11 -15.59
C ASP C 68 -13.98 2.01 -14.49
N GLU C 69 -13.56 3.20 -14.91
CA GLU C 69 -13.00 4.28 -14.07
C GLU C 69 -13.94 5.50 -14.10
N VAL C 70 -15.06 5.43 -13.37
CA VAL C 70 -16.13 6.47 -13.32
C VAL C 70 -15.60 7.74 -12.64
N ALA C 71 -15.64 8.88 -13.33
CA ALA C 71 -15.36 10.23 -12.76
C ALA C 71 -16.58 10.62 -11.91
N ALA C 72 -16.34 10.95 -10.63
CA ALA C 72 -17.41 11.14 -9.63
C ALA C 72 -17.36 12.58 -9.12
N SER C 73 -18.46 13.31 -9.23
CA SER C 73 -18.57 14.69 -8.69
C SER C 73 -18.38 14.63 -7.18
N GLN C 74 -18.79 13.53 -6.55
CA GLN C 74 -18.83 13.36 -5.07
C GLN C 74 -18.83 11.86 -4.73
N LEU C 75 -18.31 11.53 -3.55
CA LEU C 75 -18.23 10.14 -3.03
C LEU C 75 -18.83 10.11 -1.63
N THR C 76 -19.48 9.01 -1.26
CA THR C 76 -19.90 8.76 0.15
C THR C 76 -18.67 8.34 0.95
N PHE C 77 -18.34 9.11 1.97
CA PHE C 77 -17.20 8.80 2.86
C PHE C 77 -17.55 7.55 3.63
N PRO C 78 -16.61 6.63 3.84
CA PRO C 78 -16.93 5.36 4.48
C PRO C 78 -17.07 5.53 6.00
N ALA C 79 -17.45 4.44 6.65
CA ALA C 79 -17.40 4.29 8.12
C ALA C 79 -15.94 4.07 8.52
N VAL C 80 -15.57 4.61 9.67
CA VAL C 80 -14.21 4.40 10.22
C VAL C 80 -14.42 3.92 11.64
N THR C 81 -14.29 2.63 11.86
CA THR C 81 -14.36 2.06 13.22
C THR C 81 -12.95 2.00 13.80
N LEU C 82 -12.78 2.36 15.06
CA LEU C 82 -11.44 2.30 15.67
C LEU C 82 -11.52 1.87 17.15
N CYS C 83 -10.51 1.13 17.59
CA CYS C 83 -10.42 0.43 18.91
C CYS C 83 -9.03 0.67 19.50
N ASN C 84 -8.97 1.05 20.78
CA ASN C 84 -7.71 0.93 21.57
C ASN C 84 -7.35 -0.56 21.62
N LEU C 85 -6.07 -0.91 21.67
CA LEU C 85 -5.65 -2.35 21.76
C LEU C 85 -5.75 -2.84 23.20
N ASN C 86 -5.80 -1.92 24.17
CA ASN C 86 -6.08 -2.21 25.60
C ASN C 86 -7.59 -2.26 25.77
N GLU C 87 -8.13 -3.35 26.31
CA GLU C 87 -9.59 -3.61 26.41
C GLU C 87 -10.18 -2.99 27.69
N PHE C 88 -9.42 -2.94 28.78
CA PHE C 88 -9.92 -2.52 30.11
C PHE C 88 -8.97 -1.51 30.73
N ARG C 89 -9.47 -0.31 31.02
CA ARG C 89 -8.66 0.70 31.74
C ARG C 89 -8.43 0.21 33.18
N PHE C 90 -7.18 0.22 33.62
CA PHE C 90 -6.71 -0.22 34.96
C PHE C 90 -7.48 0.52 36.07
N SER C 91 -7.66 1.82 35.89
CA SER C 91 -8.30 2.72 36.89
C SER C 91 -9.81 2.45 37.00
N GLN C 92 -10.41 1.68 36.10
CA GLN C 92 -11.85 1.35 36.13
C GLN C 92 -12.08 -0.06 36.66
N VAL C 93 -11.02 -0.80 36.97
CA VAL C 93 -11.15 -2.19 37.48
C VAL C 93 -11.37 -2.09 38.99
N SER C 94 -12.61 -2.38 39.43
CA SER C 94 -13.03 -2.41 40.85
C SER C 94 -12.59 -3.72 41.49
N LYS C 95 -12.55 -3.77 42.83
CA LYS C 95 -12.34 -5.00 43.62
C LYS C 95 -13.30 -6.09 43.11
N ASN C 96 -14.58 -5.74 42.91
CA ASN C 96 -15.58 -6.73 42.44
C ASN C 96 -15.16 -7.29 41.07
N ASP C 97 -14.73 -6.43 40.16
CA ASP C 97 -14.30 -6.83 38.78
C ASP C 97 -13.11 -7.78 38.88
N LEU C 98 -12.12 -7.39 39.66
CA LEU C 98 -10.88 -8.17 39.84
C LEU C 98 -11.26 -9.55 40.37
N TYR C 99 -12.15 -9.59 41.37
CA TYR C 99 -12.68 -10.84 41.96
C TYR C 99 -13.20 -11.79 40.86
N HIS C 100 -14.02 -11.30 39.92
CA HIS C 100 -14.67 -12.16 38.91
C HIS C 100 -13.79 -12.42 37.68
N ALA C 101 -13.03 -11.41 37.23
CA ALA C 101 -12.34 -11.42 35.92
C ALA C 101 -10.83 -11.58 36.10
N GLY C 102 -10.31 -11.35 37.31
CA GLY C 102 -8.87 -11.39 37.60
C GLY C 102 -8.14 -12.60 37.00
N GLU C 103 -8.75 -13.78 36.95
CA GLU C 103 -8.07 -14.99 36.40
C GLU C 103 -8.03 -14.88 34.88
N LEU C 104 -9.11 -14.39 34.26
CA LEU C 104 -9.22 -14.21 32.79
C LEU C 104 -8.17 -13.21 32.29
N LEU C 105 -7.83 -12.21 33.11
CA LEU C 105 -6.87 -11.12 32.76
C LEU C 105 -5.47 -11.42 33.32
N ALA C 106 -5.27 -12.64 33.83
CA ALA C 106 -3.99 -13.15 34.36
C ALA C 106 -3.44 -12.26 35.49
N LEU C 107 -4.26 -11.45 36.14
CA LEU C 107 -3.88 -10.64 37.33
C LEU C 107 -3.99 -11.47 38.61
N LEU C 108 -4.78 -12.55 38.59
CA LEU C 108 -4.96 -13.50 39.71
C LEU C 108 -4.73 -14.92 39.21
N ASN C 109 -4.33 -15.84 40.10
CA ASN C 109 -4.29 -17.31 39.81
C ASN C 109 -5.66 -17.89 40.15
N ASN C 110 -5.81 -19.23 40.17
CA ASN C 110 -7.11 -19.90 40.46
C ASN C 110 -7.45 -19.83 41.96
N ARG C 111 -6.58 -19.24 42.78
CA ARG C 111 -6.73 -19.13 44.25
C ARG C 111 -7.01 -17.67 44.64
N TYR C 112 -7.54 -16.86 43.72
CA TYR C 112 -7.86 -15.42 43.91
C TYR C 112 -6.71 -14.71 44.63
N GLU C 113 -5.48 -15.03 44.25
CA GLU C 113 -4.23 -14.38 44.76
C GLU C 113 -3.46 -13.80 43.57
N ILE C 114 -2.76 -12.70 43.81
CA ILE C 114 -1.78 -12.10 42.86
C ILE C 114 -0.60 -13.07 42.73
N PRO C 115 -0.23 -13.54 41.52
CA PRO C 115 0.67 -14.68 41.40
C PRO C 115 2.09 -14.43 41.92
N ASP C 116 2.78 -15.54 42.23
CA ASP C 116 4.24 -15.69 42.54
C ASP C 116 5.11 -14.89 41.56
N THR C 117 4.79 -14.99 40.27
CA THR C 117 5.44 -14.31 39.11
C THR C 117 5.52 -12.80 39.34
N GLN C 118 6.74 -12.25 39.45
CA GLN C 118 6.94 -10.81 39.74
C GLN C 118 7.22 -10.09 38.43
N MET C 119 6.23 -10.17 37.54
CA MET C 119 6.08 -9.35 36.31
C MET C 119 5.58 -7.95 36.69
N ALA C 120 5.21 -7.74 37.97
CA ALA C 120 4.55 -6.51 38.45
C ALA C 120 5.58 -5.40 38.67
N ASP C 121 5.16 -4.16 38.40
CA ASP C 121 5.83 -2.91 38.82
C ASP C 121 5.70 -2.83 40.35
N GLU C 122 6.62 -2.15 41.04
CA GLU C 122 6.54 -1.95 42.52
C GLU C 122 5.27 -1.16 42.87
N LYS C 123 5.02 -0.01 42.23
CA LYS C 123 3.89 0.92 42.55
C LYS C 123 2.54 0.27 42.19
N GLN C 124 2.54 -0.55 41.13
CA GLN C 124 1.35 -1.26 40.62
C GLN C 124 0.94 -2.37 41.59
N LEU C 125 1.91 -3.15 42.07
CA LEU C 125 1.71 -4.28 43.00
C LEU C 125 1.05 -3.78 44.29
N GLU C 126 1.36 -2.54 44.72
CA GLU C 126 0.70 -1.91 45.89
C GLU C 126 -0.78 -1.69 45.59
N ILE C 127 -1.08 -0.96 44.52
CA ILE C 127 -2.47 -0.61 44.11
C ILE C 127 -3.30 -1.91 43.97
N LEU C 128 -2.66 -3.00 43.52
CA LEU C 128 -3.35 -4.27 43.17
C LEU C 128 -3.48 -5.19 44.38
N GLN C 129 -2.44 -5.30 45.23
CA GLN C 129 -2.54 -6.08 46.50
C GLN C 129 -3.75 -5.55 47.29
N ASP C 130 -3.96 -4.23 47.31
CA ASP C 130 -5.19 -3.58 47.86
C ASP C 130 -6.43 -4.22 47.19
N LYS C 131 -6.68 -3.90 45.92
CA LYS C 131 -7.89 -4.38 45.17
C LYS C 131 -8.06 -5.90 45.35
N ALA C 132 -6.97 -6.65 45.47
CA ALA C 132 -6.98 -8.13 45.43
C ALA C 132 -7.12 -8.72 46.84
N ASN C 133 -7.26 -7.85 47.86
CA ASN C 133 -7.59 -8.19 49.26
C ASN C 133 -9.09 -8.52 49.35
N PHE C 134 -9.41 -9.80 49.55
CA PHE C 134 -10.78 -10.34 49.49
C PHE C 134 -11.21 -10.87 50.87
N ARG C 135 -10.43 -10.55 51.90
CA ARG C 135 -10.78 -10.85 53.32
C ARG C 135 -11.97 -9.96 53.69
N SER C 136 -13.09 -10.58 54.11
CA SER C 136 -14.33 -9.91 54.56
C SER C 136 -15.20 -9.47 53.37
N PHE C 137 -14.69 -9.56 52.14
CA PHE C 137 -15.36 -8.99 50.93
C PHE C 137 -16.50 -9.91 50.50
N LYS C 138 -17.67 -9.31 50.25
CA LYS C 138 -18.86 -10.03 49.70
C LYS C 138 -19.00 -9.72 48.21
N PRO C 139 -18.82 -10.73 47.34
CA PRO C 139 -19.06 -10.57 45.91
C PRO C 139 -20.42 -9.92 45.60
N LYS C 140 -20.43 -8.94 44.72
CA LYS C 140 -21.66 -8.37 44.10
C LYS C 140 -21.78 -8.97 42.71
N PRO C 141 -22.98 -8.95 42.10
CA PRO C 141 -23.17 -9.64 40.83
C PRO C 141 -22.39 -8.86 39.75
N PHE C 142 -21.96 -9.54 38.69
CA PHE C 142 -21.01 -9.07 37.66
C PHE C 142 -21.46 -9.52 36.26
N ASN C 143 -21.18 -8.69 35.27
CA ASN C 143 -21.65 -8.87 33.87
C ASN C 143 -20.52 -8.43 32.91
N MET C 144 -20.05 -9.31 32.03
CA MET C 144 -18.93 -8.96 31.12
C MET C 144 -19.31 -7.71 30.30
N ARG C 145 -20.54 -7.64 29.77
CA ARG C 145 -20.99 -6.51 28.92
C ARG C 145 -20.88 -5.21 29.71
N GLU C 146 -21.35 -5.20 30.95
CA GLU C 146 -21.27 -3.97 31.80
C GLU C 146 -19.78 -3.58 31.92
N PHE C 147 -18.92 -4.54 32.24
CA PHE C 147 -17.49 -4.32 32.55
C PHE C 147 -16.82 -3.64 31.35
N TYR C 148 -17.02 -4.25 30.18
CA TYR C 148 -16.52 -3.73 28.89
C TYR C 148 -16.99 -2.30 28.75
N ASP C 149 -18.30 -2.07 28.88
CA ASP C 149 -18.89 -0.71 28.73
C ASP C 149 -18.26 0.25 29.74
N ARG C 150 -18.06 -0.15 31.00
CA ARG C 150 -17.59 0.77 32.06
C ARG C 150 -16.08 1.01 31.93
N ALA C 151 -15.32 -0.05 31.66
CA ALA C 151 -13.85 -0.02 31.81
C ALA C 151 -13.18 0.23 30.45
N GLY C 152 -13.89 0.00 29.35
CA GLY C 152 -13.39 0.32 28.00
C GLY C 152 -12.90 1.74 27.95
N HIS C 153 -11.92 2.04 27.11
CA HIS C 153 -11.43 3.43 26.88
C HIS C 153 -12.61 4.29 26.40
N ASP C 154 -12.65 5.53 26.90
CA ASP C 154 -13.75 6.47 26.59
C ASP C 154 -13.32 7.35 25.41
N ILE C 155 -14.06 7.34 24.31
CA ILE C 155 -13.73 8.19 23.13
C ILE C 155 -13.63 9.63 23.63
N ARG C 156 -14.44 10.01 24.63
CA ARG C 156 -14.49 11.39 25.17
C ARG C 156 -13.10 11.77 25.71
N ASP C 157 -12.36 10.84 26.33
CA ASP C 157 -11.00 11.11 26.88
C ASP C 157 -9.92 10.92 25.80
N MET C 158 -10.12 9.99 24.87
CA MET C 158 -9.11 9.61 23.87
C MET C 158 -9.04 10.70 22.80
N LEU C 159 -10.18 11.26 22.40
CA LEU C 159 -10.29 12.11 21.20
C LEU C 159 -9.88 13.54 21.54
N LEU C 160 -8.61 13.86 21.39
CA LEU C 160 -8.02 15.20 21.63
C LEU C 160 -8.49 16.20 20.57
N SER C 161 -8.79 15.77 19.35
CA SER C 161 -9.13 16.71 18.24
C SER C 161 -9.67 15.94 17.05
N CYS C 162 -10.58 16.54 16.30
CA CYS C 162 -11.29 15.83 15.22
C CYS C 162 -11.92 16.86 14.28
N HIS C 163 -11.66 16.70 12.99
CA HIS C 163 -12.12 17.58 11.89
C HIS C 163 -12.46 16.72 10.68
N PHE C 164 -13.47 17.14 9.94
CA PHE C 164 -13.86 16.52 8.68
C PHE C 164 -14.22 17.65 7.70
N ARG C 165 -13.63 17.67 6.51
CA ARG C 165 -13.77 18.76 5.51
C ARG C 165 -13.72 20.10 6.28
N GLY C 166 -12.76 20.24 7.20
CA GLY C 166 -12.54 21.53 7.88
C GLY C 166 -13.51 21.80 9.03
N GLU C 167 -14.73 21.24 9.00
CA GLU C 167 -15.73 21.31 10.10
C GLU C 167 -15.18 20.56 11.33
N VAL C 168 -15.39 21.08 12.53
CA VAL C 168 -15.08 20.39 13.81
C VAL C 168 -16.10 19.31 14.09
N CYS C 169 -15.68 18.16 14.63
CA CYS C 169 -16.58 17.15 15.24
C CYS C 169 -16.06 16.75 16.61
N SER C 170 -16.96 16.22 17.44
CA SER C 170 -16.72 15.88 18.87
C SER C 170 -16.99 14.40 19.08
N ALA C 171 -16.94 13.93 20.33
CA ALA C 171 -17.25 12.54 20.71
C ALA C 171 -18.68 12.13 20.28
N GLU C 172 -19.58 13.11 20.07
CA GLU C 172 -20.99 12.90 19.66
C GLU C 172 -21.07 12.36 18.23
N ASP C 173 -20.00 12.48 17.45
CA ASP C 173 -19.99 12.11 16.01
C ASP C 173 -19.57 10.64 15.85
N PHE C 174 -19.21 9.98 16.95
CA PHE C 174 -18.74 8.59 17.03
C PHE C 174 -19.74 7.74 17.80
N LYS C 175 -20.37 6.76 17.16
CA LYS C 175 -21.32 5.79 17.76
C LYS C 175 -20.53 4.62 18.36
N VAL C 176 -20.87 4.18 19.58
CA VAL C 176 -20.25 2.99 20.24
C VAL C 176 -20.65 1.73 19.48
N VAL C 177 -19.68 0.81 19.35
CA VAL C 177 -19.87 -0.53 18.74
C VAL C 177 -18.95 -1.49 19.52
N PHE C 178 -19.44 -2.68 19.84
CA PHE C 178 -18.65 -3.71 20.57
C PHE C 178 -18.07 -4.68 19.54
N THR C 179 -16.80 -4.99 19.72
CA THR C 179 -16.00 -5.90 18.86
C THR C 179 -15.21 -6.80 19.81
N ARG C 180 -14.45 -7.74 19.29
CA ARG C 180 -13.67 -8.63 20.19
C ARG C 180 -12.70 -7.81 21.05
N TYR C 181 -12.25 -6.64 20.58
CA TYR C 181 -11.36 -5.73 21.36
C TYR C 181 -12.15 -5.05 22.48
N GLY C 182 -13.47 -4.96 22.32
CA GLY C 182 -14.37 -4.43 23.36
C GLY C 182 -15.09 -3.16 22.91
N LYS C 183 -15.02 -2.11 23.71
CA LYS C 183 -15.79 -0.86 23.46
C LYS C 183 -15.05 -0.07 22.38
N CYS C 184 -15.55 -0.10 21.17
CA CYS C 184 -14.93 0.59 20.01
C CYS C 184 -15.88 1.69 19.51
N TYR C 185 -15.49 2.43 18.50
CA TYR C 185 -16.26 3.60 18.03
C TYR C 185 -16.24 3.66 16.50
N THR C 186 -17.36 4.06 15.91
CA THR C 186 -17.50 4.22 14.45
C THR C 186 -17.84 5.67 14.14
N PHE C 187 -17.00 6.30 13.35
CA PHE C 187 -17.25 7.63 12.74
C PHE C 187 -18.01 7.42 11.42
N ASN C 188 -18.96 8.29 11.13
CA ASN C 188 -19.78 8.23 9.89
C ASN C 188 -20.44 6.86 9.78
N SER C 189 -21.00 6.38 10.91
CA SER C 189 -21.72 5.08 11.07
C SER C 189 -22.89 4.95 10.11
N GLY C 190 -23.62 6.04 9.87
CA GLY C 190 -24.88 6.05 9.11
C GLY C 190 -26.05 5.62 9.98
N ARG C 191 -25.76 5.08 11.17
CA ARG C 191 -26.75 4.58 12.17
C ARG C 191 -27.46 5.80 12.79
N ASP C 192 -28.64 5.57 13.41
CA ASP C 192 -29.52 6.59 14.06
C ASP C 192 -30.00 7.62 13.03
N GLY C 193 -30.26 7.18 11.80
CA GLY C 193 -30.81 7.98 10.69
C GLY C 193 -30.01 9.23 10.36
N ARG C 194 -28.90 9.54 11.06
CA ARG C 194 -27.98 10.67 10.73
C ARG C 194 -27.40 10.44 9.35
N PRO C 195 -27.22 11.47 8.50
CA PRO C 195 -26.98 11.24 7.08
C PRO C 195 -25.49 11.00 6.83
N ARG C 196 -25.18 10.16 5.85
CA ARG C 196 -23.80 9.71 5.55
C ARG C 196 -23.00 10.87 4.94
N LEU C 197 -21.90 11.27 5.59
CA LEU C 197 -20.98 12.35 5.14
C LEU C 197 -20.42 12.03 3.75
N LYS C 198 -20.07 13.07 2.99
CA LYS C 198 -19.60 12.94 1.59
C LYS C 198 -18.30 13.72 1.40
N THR C 199 -17.44 13.23 0.52
CA THR C 199 -16.16 13.84 0.10
C THR C 199 -16.43 14.51 -1.24
N MET C 200 -16.10 15.79 -1.39
CA MET C 200 -16.41 16.53 -2.65
C MET C 200 -15.14 16.83 -3.45
N LYS C 201 -13.95 16.74 -2.83
CA LYS C 201 -12.65 16.99 -3.50
C LYS C 201 -11.61 15.96 -3.06
N GLY C 202 -10.56 15.78 -3.86
CA GLY C 202 -9.39 14.95 -3.50
C GLY C 202 -8.52 15.62 -2.46
N GLY C 203 -7.68 14.84 -1.79
CA GLY C 203 -6.64 15.33 -0.87
C GLY C 203 -7.07 15.31 0.58
N THR C 204 -6.10 15.57 1.48
CA THR C 204 -6.23 15.37 2.94
C THR C 204 -7.25 16.36 3.48
N GLY C 205 -7.28 17.57 2.90
CA GLY C 205 -8.19 18.65 3.33
C GLY C 205 -9.66 18.27 3.29
N ASN C 206 -10.06 17.28 2.49
CA ASN C 206 -11.49 16.88 2.33
C ASN C 206 -11.75 15.52 3.01
N GLY C 207 -11.02 15.24 4.09
CA GLY C 207 -11.11 13.96 4.79
C GLY C 207 -11.16 14.13 6.29
N LEU C 208 -11.02 13.01 6.99
CA LEU C 208 -11.00 12.92 8.47
C LEU C 208 -9.58 13.21 8.93
N GLU C 209 -9.44 13.96 10.02
CA GLU C 209 -8.17 14.05 10.78
C GLU C 209 -8.50 13.99 12.27
N ILE C 210 -8.07 12.95 12.98
CA ILE C 210 -8.29 12.86 14.44
C ILE C 210 -6.94 12.73 15.13
N MET C 211 -6.75 13.47 16.22
CA MET C 211 -5.64 13.29 17.18
C MET C 211 -6.17 12.45 18.36
N LEU C 212 -5.54 11.33 18.69
CA LEU C 212 -5.94 10.50 19.85
C LEU C 212 -4.81 10.47 20.89
N ASP C 213 -5.20 10.23 22.13
CA ASP C 213 -4.34 9.82 23.25
C ASP C 213 -4.71 8.37 23.56
N ILE C 214 -3.83 7.40 23.32
CA ILE C 214 -4.17 5.95 23.50
C ILE C 214 -4.16 5.58 24.99
N GLN C 215 -3.66 6.46 25.85
CA GLN C 215 -3.69 6.34 27.34
C GLN C 215 -2.92 5.09 27.82
N GLN C 216 -1.61 5.03 27.62
CA GLN C 216 -0.82 3.82 27.94
C GLN C 216 -0.77 3.64 29.47
N ASP C 217 -0.90 4.73 30.20
CA ASP C 217 -0.85 4.71 31.68
C ASP C 217 -2.15 4.08 32.21
N GLU C 218 -3.18 3.84 31.39
CA GLU C 218 -4.42 3.12 31.78
C GLU C 218 -4.36 1.68 31.27
N TYR C 219 -3.32 1.31 30.56
CA TYR C 219 -3.20 -0.05 29.99
C TYR C 219 -3.16 -1.02 31.17
N LEU C 220 -4.01 -2.02 31.13
CA LEU C 220 -4.04 -3.10 32.14
C LEU C 220 -2.70 -3.80 32.12
N PRO C 221 -2.04 -4.00 33.28
CA PRO C 221 -0.78 -4.73 33.36
C PRO C 221 -0.86 -6.14 32.75
N VAL C 222 0.18 -6.53 32.03
CA VAL C 222 0.22 -7.86 31.36
C VAL C 222 1.17 -8.77 32.12
N TRP C 223 0.62 -9.71 32.88
CA TRP C 223 1.39 -10.69 33.67
C TRP C 223 1.23 -12.10 33.07
N GLY C 224 0.49 -12.26 31.97
CA GLY C 224 0.28 -13.56 31.33
C GLY C 224 -0.26 -13.42 29.92
N GLU C 225 -0.20 -14.49 29.13
CA GLU C 225 -0.74 -14.48 27.74
C GLU C 225 -2.20 -14.92 27.83
N THR C 226 -3.11 -14.14 27.24
CA THR C 226 -4.55 -14.47 27.11
C THR C 226 -5.08 -13.80 25.85
N ASP C 227 -6.34 -14.06 25.54
CA ASP C 227 -7.03 -13.51 24.35
C ASP C 227 -7.47 -12.08 24.63
N GLU C 228 -7.29 -11.57 25.85
CA GLU C 228 -7.84 -10.25 26.27
C GLU C 228 -6.68 -9.27 26.48
N THR C 229 -5.44 -9.77 26.64
CA THR C 229 -4.22 -8.93 26.80
C THR C 229 -3.51 -8.84 25.43
N SER C 230 -2.67 -7.83 25.25
CA SER C 230 -1.78 -7.70 24.06
C SER C 230 -0.42 -7.14 24.48
N PHE C 231 0.59 -7.46 23.68
CA PHE C 231 1.97 -6.94 23.84
C PHE C 231 2.08 -5.53 23.26
N GLU C 232 1.05 -5.03 22.61
CA GLU C 232 1.16 -3.89 21.66
C GLU C 232 0.39 -2.69 22.18
N ALA C 233 0.85 -1.49 21.85
CA ALA C 233 0.15 -0.22 22.12
C ALA C 233 -0.13 0.45 20.77
N GLY C 234 -1.29 1.11 20.72
CA GLY C 234 -1.81 1.77 19.52
C GLY C 234 -3.29 1.45 19.38
N ILE C 235 -3.82 1.61 18.19
CA ILE C 235 -5.25 1.35 17.90
C ILE C 235 -5.33 0.44 16.69
N LYS C 236 -6.43 -0.29 16.58
CA LYS C 236 -6.80 -0.97 15.32
C LYS C 236 -7.88 -0.11 14.69
N VAL C 237 -7.90 -0.04 13.36
CA VAL C 237 -8.83 0.79 12.57
C VAL C 237 -9.35 -0.07 11.44
N GLN C 238 -10.62 0.04 11.10
CA GLN C 238 -11.16 -0.55 9.86
C GLN C 238 -11.97 0.52 9.12
N ILE C 239 -11.68 0.67 7.83
CA ILE C 239 -12.45 1.53 6.89
C ILE C 239 -13.39 0.61 6.12
N HIS C 240 -14.69 0.88 6.15
CA HIS C 240 -15.71 -0.08 5.66
C HIS C 240 -16.98 0.65 5.28
N SER C 241 -17.75 0.06 4.36
CA SER C 241 -19.10 0.55 3.98
C SER C 241 -19.97 0.56 5.23
N GLN C 242 -20.91 1.51 5.32
CA GLN C 242 -21.77 1.69 6.51
C GLN C 242 -22.68 0.46 6.64
N ASP C 243 -22.85 -0.30 5.56
CA ASP C 243 -23.79 -1.45 5.41
C ASP C 243 -23.16 -2.75 5.92
N GLU C 244 -21.87 -2.71 6.21
CA GLU C 244 -21.06 -3.86 6.67
C GLU C 244 -20.79 -3.64 8.16
N PRO C 245 -21.00 -4.66 9.01
CA PRO C 245 -20.52 -4.59 10.38
C PRO C 245 -19.01 -4.65 10.39
N PRO C 246 -18.33 -4.03 11.38
CA PRO C 246 -16.87 -4.08 11.39
C PRO C 246 -16.43 -5.50 11.81
N PHE C 247 -15.28 -5.92 11.32
CA PHE C 247 -14.64 -7.21 11.66
C PHE C 247 -13.18 -6.92 11.99
N ILE C 248 -13.01 -6.04 12.96
CA ILE C 248 -11.78 -5.22 13.09
C ILE C 248 -10.58 -6.09 13.52
N ASP C 249 -10.77 -7.16 14.27
CA ASP C 249 -9.65 -8.00 14.78
C ASP C 249 -9.04 -8.83 13.63
N GLN C 250 -9.81 -9.11 12.59
CA GLN C 250 -9.36 -9.96 11.46
C GLN C 250 -8.93 -9.08 10.28
N LEU C 251 -9.66 -8.01 9.98
CA LEU C 251 -9.52 -7.25 8.71
C LEU C 251 -9.02 -5.83 8.95
N GLY C 252 -8.67 -5.47 10.17
CA GLY C 252 -8.24 -4.10 10.48
C GLY C 252 -6.79 -3.87 10.09
N PHE C 253 -6.41 -2.59 10.14
CA PHE C 253 -5.03 -2.09 10.04
C PHE C 253 -4.64 -1.43 11.35
N GLY C 254 -3.35 -1.35 11.59
CA GLY C 254 -2.78 -0.79 12.83
C GLY C 254 -2.32 0.64 12.65
N VAL C 255 -2.43 1.42 13.70
CA VAL C 255 -1.93 2.81 13.75
C VAL C 255 -1.15 2.97 15.04
N ALA C 256 0.11 3.35 14.94
CA ALA C 256 1.03 3.42 16.09
C ALA C 256 0.97 4.81 16.71
N PRO C 257 1.28 4.88 18.02
CA PRO C 257 1.48 6.15 18.70
C PRO C 257 2.80 6.76 18.21
N GLY C 258 2.90 8.08 18.28
CA GLY C 258 4.14 8.82 17.98
C GLY C 258 4.31 9.04 16.50
N PHE C 259 3.23 8.96 15.75
CA PHE C 259 3.21 9.25 14.28
C PHE C 259 1.88 9.88 13.89
N GLN C 260 1.98 10.82 12.94
CA GLN C 260 0.85 11.20 12.07
C GLN C 260 0.85 10.21 10.92
N THR C 261 -0.26 9.51 10.71
CA THR C 261 -0.39 8.42 9.73
C THR C 261 -1.40 8.87 8.67
N PHE C 262 -0.97 9.00 7.42
CA PHE C 262 -1.83 9.34 6.28
C PHE C 262 -2.30 8.03 5.65
N VAL C 263 -3.60 7.89 5.48
CA VAL C 263 -4.25 6.76 4.77
C VAL C 263 -5.01 7.30 3.56
N ALA C 264 -4.43 7.18 2.37
CA ALA C 264 -5.02 7.62 1.08
C ALA C 264 -5.80 6.46 0.42
N CYS C 265 -7.11 6.65 0.26
CA CYS C 265 -8.06 5.59 -0.11
C CYS C 265 -8.54 5.72 -1.54
N GLN C 266 -9.10 4.62 -2.05
CA GLN C 266 -9.62 4.42 -3.43
C GLN C 266 -10.85 3.52 -3.31
N GLU C 267 -12.03 3.96 -3.77
CA GLU C 267 -13.28 3.14 -3.69
C GLU C 267 -13.28 2.16 -4.86
N GLN C 268 -13.40 0.86 -4.58
CA GLN C 268 -13.54 -0.20 -5.59
C GLN C 268 -14.93 -0.81 -5.41
N ARG C 269 -15.78 -0.84 -6.44
CA ARG C 269 -17.15 -1.42 -6.37
C ARG C 269 -17.19 -2.68 -7.24
N LEU C 270 -17.52 -3.83 -6.64
CA LEU C 270 -17.44 -5.14 -7.31
C LEU C 270 -18.83 -5.75 -7.42
N ILE C 271 -19.26 -6.10 -8.63
CA ILE C 271 -20.52 -6.86 -8.86
C ILE C 271 -20.18 -8.27 -9.36
N TYR C 272 -20.89 -9.25 -8.82
CA TYR C 272 -20.77 -10.70 -9.08
C TYR C 272 -22.16 -11.24 -9.48
N LEU C 273 -22.20 -12.40 -10.15
CA LEU C 273 -23.45 -12.98 -10.68
C LEU C 273 -23.84 -14.22 -9.88
N PRO C 274 -25.16 -14.39 -9.58
CA PRO C 274 -25.67 -15.50 -8.77
C PRO C 274 -25.63 -16.80 -9.55
N PRO C 275 -25.97 -17.96 -8.94
CA PRO C 275 -26.07 -19.20 -9.70
C PRO C 275 -27.21 -19.03 -10.71
N PRO C 276 -27.10 -19.61 -11.93
CA PRO C 276 -26.00 -20.52 -12.29
C PRO C 276 -24.70 -19.92 -12.87
N TRP C 277 -24.63 -18.59 -13.05
CA TRP C 277 -23.49 -17.88 -13.68
C TRP C 277 -22.28 -17.82 -12.73
N GLY C 278 -22.53 -17.68 -11.42
CA GLY C 278 -21.53 -17.74 -10.34
C GLY C 278 -22.12 -18.30 -9.06
N THR C 279 -21.54 -17.96 -7.90
CA THR C 279 -21.85 -18.57 -6.58
C THR C 279 -22.32 -17.51 -5.58
N CYS C 280 -22.57 -16.27 -5.99
CA CYS C 280 -22.80 -15.14 -5.05
C CYS C 280 -24.20 -15.23 -4.43
N LYS C 281 -24.55 -14.30 -3.53
CA LYS C 281 -25.73 -14.40 -2.62
C LYS C 281 -26.33 -13.02 -2.41
N ALA C 282 -27.53 -12.78 -2.95
CA ALA C 282 -28.17 -11.45 -3.12
C ALA C 282 -28.05 -10.62 -1.83
N VAL C 283 -27.70 -9.35 -1.97
CA VAL C 283 -27.80 -8.31 -0.89
C VAL C 283 -29.17 -7.64 -1.05
N THR C 284 -30.07 -7.87 -0.09
CA THR C 284 -31.45 -7.31 -0.04
C THR C 284 -31.74 -6.96 1.43
N MET C 285 -33.02 -6.75 1.79
CA MET C 285 -33.46 -6.53 3.19
C MET C 285 -34.04 -7.83 3.77
N ASP C 286 -33.92 -8.96 3.07
CA ASP C 286 -34.31 -10.30 3.58
C ASP C 286 -33.06 -11.20 3.60
N SER C 287 -32.19 -10.97 4.61
CA SER C 287 -30.79 -11.46 4.70
C SER C 287 -30.72 -12.97 4.61
N ASP C 288 -31.70 -13.68 5.18
CA ASP C 288 -31.71 -15.16 5.24
C ASP C 288 -30.76 -15.65 6.34
N LEU C 289 -30.29 -14.75 7.21
CA LEU C 289 -29.31 -15.03 8.30
C LEU C 289 -30.00 -14.83 9.65
N ASP C 290 -29.75 -15.69 10.62
CA ASP C 290 -30.39 -15.67 11.96
C ASP C 290 -30.39 -14.23 12.51
N PHE C 291 -29.28 -13.50 12.44
CA PHE C 291 -29.10 -12.24 13.20
C PHE C 291 -28.83 -11.01 12.33
N PHE C 292 -29.02 -11.01 11.02
CA PHE C 292 -28.68 -9.81 10.20
C PHE C 292 -29.71 -9.56 9.11
N ASP C 293 -29.97 -8.29 8.82
CA ASP C 293 -30.99 -7.85 7.84
C ASP C 293 -30.39 -7.90 6.43
N SER C 294 -29.09 -7.68 6.20
CA SER C 294 -28.44 -7.74 4.86
C SER C 294 -27.25 -8.71 4.87
N TYR C 295 -27.06 -9.43 3.77
CA TYR C 295 -25.91 -10.35 3.61
C TYR C 295 -24.63 -9.55 3.40
N SER C 296 -23.52 -10.09 3.91
CA SER C 296 -22.13 -9.59 3.85
C SER C 296 -21.25 -10.67 4.46
N ILE C 297 -20.09 -10.94 3.86
CA ILE C 297 -19.13 -11.93 4.42
C ILE C 297 -19.03 -11.69 5.94
N THR C 298 -18.82 -10.44 6.34
CA THR C 298 -18.65 -10.09 7.76
C THR C 298 -19.89 -10.54 8.53
N ALA C 299 -21.08 -10.14 8.09
CA ALA C 299 -22.34 -10.48 8.81
C ALA C 299 -22.46 -11.99 8.86
N CYS C 300 -22.24 -12.63 7.71
CA CYS C 300 -22.35 -14.10 7.59
C CYS C 300 -21.45 -14.77 8.64
N ARG C 301 -20.23 -14.26 8.81
CA ARG C 301 -19.21 -14.88 9.69
C ARG C 301 -19.60 -14.65 11.16
N ILE C 302 -20.01 -13.43 11.50
CA ILE C 302 -20.43 -13.06 12.89
C ILE C 302 -21.63 -13.92 13.26
N ASP C 303 -22.55 -14.11 12.31
CA ASP C 303 -23.75 -14.97 12.49
C ASP C 303 -23.25 -16.35 12.90
N CYS C 304 -22.54 -17.00 11.98
CA CYS C 304 -21.96 -18.35 12.13
C CYS C 304 -21.21 -18.43 13.48
N GLU C 305 -20.43 -17.43 13.86
CA GLU C 305 -19.66 -17.47 15.14
C GLU C 305 -20.64 -17.52 16.31
N THR C 306 -21.66 -16.67 16.25
CA THR C 306 -22.64 -16.49 17.35
C THR C 306 -23.39 -17.81 17.53
N ARG C 307 -23.81 -18.42 16.43
CA ARG C 307 -24.57 -19.70 16.46
C ARG C 307 -23.70 -20.72 17.16
N TYR C 308 -22.49 -20.90 16.66
CA TYR C 308 -21.51 -21.91 17.15
C TYR C 308 -21.25 -21.77 18.66
N LEU C 309 -21.17 -20.58 19.21
CA LEU C 309 -20.79 -20.42 20.64
C LEU C 309 -21.99 -20.72 21.50
N VAL C 310 -23.17 -20.33 21.02
CA VAL C 310 -24.46 -20.57 21.72
C VAL C 310 -24.66 -22.08 21.80
N GLU C 311 -24.50 -22.80 20.68
CA GLU C 311 -24.59 -24.28 20.57
C GLU C 311 -23.61 -24.94 21.54
N ASN C 312 -22.35 -24.54 21.53
CA ASN C 312 -21.25 -25.27 22.22
C ASN C 312 -21.01 -24.70 23.62
N CYS C 313 -21.51 -23.51 23.96
CA CYS C 313 -21.20 -22.84 25.26
C CYS C 313 -22.46 -22.38 26.01
N ASN C 314 -23.62 -22.28 25.34
CA ASN C 314 -24.89 -21.76 25.93
C ASN C 314 -24.66 -20.33 26.43
N CYS C 315 -23.88 -19.57 25.66
CA CYS C 315 -23.70 -18.12 25.83
C CYS C 315 -23.14 -17.49 24.54
N ARG C 316 -23.24 -16.18 24.45
CA ARG C 316 -22.63 -15.34 23.40
C ARG C 316 -21.60 -14.43 24.07
N MET C 317 -20.60 -13.99 23.31
CA MET C 317 -19.61 -12.97 23.77
C MET C 317 -20.27 -11.59 23.68
N VAL C 318 -19.84 -10.66 24.52
CA VAL C 318 -20.49 -9.32 24.67
C VAL C 318 -20.67 -8.63 23.32
N HIS C 319 -19.93 -8.99 22.29
CA HIS C 319 -19.97 -8.28 20.98
C HIS C 319 -20.89 -9.00 19.99
N MET C 320 -21.42 -10.19 20.33
CA MET C 320 -22.21 -11.00 19.36
C MET C 320 -23.68 -10.63 19.48
N PRO C 321 -24.46 -10.73 18.40
CA PRO C 321 -25.88 -10.41 18.43
C PRO C 321 -26.71 -11.52 19.08
N GLY C 322 -28.04 -11.39 18.99
CA GLY C 322 -29.01 -12.34 19.59
C GLY C 322 -29.40 -11.94 21.00
N ASP C 323 -30.08 -12.82 21.72
CA ASP C 323 -30.64 -12.58 23.07
C ASP C 323 -30.14 -13.66 24.04
N ALA C 324 -29.20 -14.48 23.61
CA ALA C 324 -28.55 -15.49 24.48
C ALA C 324 -27.89 -14.79 25.66
N PRO C 325 -27.63 -15.47 26.78
CA PRO C 325 -26.94 -14.82 27.90
C PRO C 325 -25.50 -14.49 27.51
N TYR C 326 -24.93 -13.43 28.09
CA TYR C 326 -23.51 -13.07 27.90
C TYR C 326 -22.68 -14.09 28.68
N CYS C 327 -21.54 -14.51 28.13
CA CYS C 327 -20.58 -15.43 28.78
C CYS C 327 -20.04 -14.79 30.07
N THR C 328 -19.77 -15.59 31.07
CA THR C 328 -19.06 -15.16 32.31
C THR C 328 -17.56 -15.26 32.09
N PRO C 329 -16.75 -14.52 32.88
CA PRO C 329 -15.31 -14.70 32.82
C PRO C 329 -14.97 -16.19 32.68
N GLU C 330 -15.54 -17.04 33.55
CA GLU C 330 -15.20 -18.47 33.58
C GLU C 330 -15.52 -19.04 32.20
N GLN C 331 -16.68 -18.72 31.63
CA GLN C 331 -17.11 -19.28 30.33
C GLN C 331 -16.20 -18.79 29.20
N TYR C 332 -15.84 -17.49 29.22
CA TYR C 332 -14.89 -16.87 28.27
C TYR C 332 -13.62 -17.73 28.22
N LYS C 333 -12.96 -17.88 29.37
CA LYS C 333 -11.68 -18.62 29.56
C LYS C 333 -11.84 -20.09 29.18
N GLU C 334 -12.85 -20.77 29.70
CA GLU C 334 -13.00 -22.25 29.62
C GLU C 334 -13.59 -22.68 28.28
N CYS C 335 -14.59 -21.98 27.75
CA CYS C 335 -15.41 -22.50 26.62
C CYS C 335 -15.27 -21.57 25.40
N ALA C 336 -15.56 -20.27 25.57
CA ALA C 336 -15.90 -19.32 24.49
C ALA C 336 -14.65 -18.87 23.73
N ASP C 337 -13.62 -18.38 24.43
CA ASP C 337 -12.33 -17.97 23.83
C ASP C 337 -11.78 -19.15 23.04
N PRO C 338 -11.59 -20.35 23.63
CA PRO C 338 -11.10 -21.50 22.87
C PRO C 338 -11.98 -21.87 21.68
N ALA C 339 -13.30 -21.81 21.85
CA ALA C 339 -14.28 -22.24 20.82
C ALA C 339 -14.19 -21.31 19.61
N LEU C 340 -14.09 -20.02 19.87
CA LEU C 340 -14.09 -18.98 18.82
C LEU C 340 -12.77 -19.09 18.07
N ASP C 341 -11.67 -19.33 18.79
CA ASP C 341 -10.32 -19.54 18.20
C ASP C 341 -10.39 -20.81 17.34
N PHE C 342 -10.83 -21.94 17.91
CA PHE C 342 -11.05 -23.18 17.14
C PHE C 342 -11.77 -22.83 15.84
N LEU C 343 -12.82 -22.03 15.93
CA LEU C 343 -13.71 -21.81 14.77
C LEU C 343 -12.95 -21.03 13.69
N VAL C 344 -12.31 -19.89 14.00
CA VAL C 344 -11.72 -18.99 12.97
C VAL C 344 -10.36 -19.52 12.50
N GLU C 345 -9.82 -20.59 13.09
CA GLU C 345 -8.45 -21.06 12.79
C GLU C 345 -8.50 -22.43 12.11
N LYS C 346 -9.10 -23.41 12.78
CA LYS C 346 -9.12 -24.84 12.36
C LYS C 346 -10.42 -25.16 11.61
N ASP C 347 -11.54 -25.36 12.29
CA ASP C 347 -12.82 -25.83 11.66
C ASP C 347 -12.97 -25.26 10.24
N GLN C 348 -13.27 -26.13 9.26
CA GLN C 348 -13.62 -25.74 7.86
C GLN C 348 -14.98 -26.32 7.46
N GLU C 349 -15.73 -26.95 8.36
CA GLU C 349 -17.05 -27.56 8.05
C GLU C 349 -18.15 -26.52 8.31
N TYR C 350 -18.17 -25.94 9.51
CA TYR C 350 -19.33 -25.25 10.13
C TYR C 350 -19.66 -23.96 9.38
N CYS C 351 -18.67 -23.20 8.92
CA CYS C 351 -18.85 -21.83 8.35
C CYS C 351 -18.79 -21.85 6.82
N VAL C 352 -19.94 -22.00 6.15
CA VAL C 352 -20.05 -21.88 4.66
C VAL C 352 -20.51 -20.46 4.34
N CYS C 353 -19.60 -19.55 3.98
CA CYS C 353 -19.93 -18.12 3.70
C CYS C 353 -19.50 -17.76 2.28
N GLU C 354 -20.46 -17.59 1.38
CA GLU C 354 -20.27 -17.29 -0.06
C GLU C 354 -20.15 -15.77 -0.29
N MET C 355 -19.52 -15.39 -1.39
CA MET C 355 -19.43 -14.01 -1.93
C MET C 355 -20.80 -13.34 -1.94
N PRO C 356 -20.92 -12.07 -1.52
CA PRO C 356 -22.10 -11.27 -1.85
C PRO C 356 -22.00 -10.84 -3.32
N CYS C 357 -23.07 -10.29 -3.89
CA CYS C 357 -23.14 -9.89 -5.33
C CYS C 357 -22.72 -8.43 -5.46
N ASN C 358 -23.08 -7.60 -4.48
CA ASN C 358 -22.64 -6.20 -4.30
C ASN C 358 -21.58 -6.19 -3.21
N LEU C 359 -20.53 -5.40 -3.38
CA LEU C 359 -19.37 -5.40 -2.47
C LEU C 359 -18.50 -4.16 -2.72
N THR C 360 -18.15 -3.44 -1.66
CA THR C 360 -17.33 -2.20 -1.73
C THR C 360 -16.02 -2.42 -0.97
N ARG C 361 -14.91 -2.22 -1.66
CA ARG C 361 -13.53 -2.47 -1.18
C ARG C 361 -12.83 -1.10 -1.11
N TYR C 362 -11.90 -0.91 -0.17
CA TYR C 362 -11.11 0.34 -0.08
C TYR C 362 -9.62 0.02 -0.15
N GLY C 363 -8.99 0.36 -1.28
CA GLY C 363 -7.53 0.45 -1.44
C GLY C 363 -6.97 1.52 -0.54
N LYS C 364 -5.82 1.27 0.08
CA LYS C 364 -5.23 2.17 1.11
C LYS C 364 -3.73 2.28 0.86
N GLU C 365 -3.16 3.48 0.91
CA GLU C 365 -1.68 3.70 0.93
C GLU C 365 -1.36 4.47 2.21
N LEU C 366 -0.70 3.80 3.16
CA LEU C 366 -0.26 4.43 4.43
C LEU C 366 1.17 4.95 4.31
N SER C 367 1.40 6.04 5.00
CA SER C 367 2.68 6.77 5.13
C SER C 367 2.66 7.44 6.49
N MET C 368 3.80 7.81 7.04
CA MET C 368 3.75 8.49 8.35
C MET C 368 4.90 9.48 8.50
N VAL C 369 4.72 10.43 9.43
CA VAL C 369 5.79 11.34 9.95
C VAL C 369 5.77 11.27 11.47
N LYS C 370 6.84 11.72 12.10
CA LYS C 370 6.98 11.59 13.57
C LYS C 370 6.14 12.69 14.21
N ILE C 371 5.55 12.41 15.37
CA ILE C 371 4.95 13.44 16.25
C ILE C 371 5.32 13.07 17.68
N PRO C 372 5.73 14.04 18.53
CA PRO C 372 5.87 15.44 18.14
C PRO C 372 7.29 15.77 17.66
N SER C 373 7.44 16.81 16.83
CA SER C 373 8.73 17.51 16.55
C SER C 373 9.32 17.95 17.88
N LYS C 374 10.64 18.01 18.00
CA LYS C 374 11.30 18.53 19.22
C LYS C 374 10.71 19.91 19.56
N ALA C 375 10.42 20.70 18.54
CA ALA C 375 9.87 22.06 18.70
C ALA C 375 8.48 22.02 19.31
N SER C 376 7.62 21.09 18.90
CA SER C 376 6.17 21.11 19.20
C SER C 376 5.87 20.43 20.54
N ALA C 377 6.85 19.71 21.10
CA ALA C 377 6.63 18.79 22.23
C ALA C 377 6.13 19.58 23.42
N LYS C 378 6.79 20.69 23.76
CA LYS C 378 6.44 21.44 24.99
C LYS C 378 5.04 22.03 24.82
N TYR C 379 4.70 22.56 23.65
CA TYR C 379 3.36 23.13 23.41
C TYR C 379 2.31 22.05 23.65
N LEU C 380 2.51 20.84 23.14
CA LEU C 380 1.48 19.77 23.21
C LEU C 380 1.36 19.31 24.67
N ALA C 381 2.48 19.22 25.37
CA ALA C 381 2.52 18.81 26.79
C ALA C 381 1.65 19.79 27.57
N LYS C 382 1.91 21.09 27.40
CA LYS C 382 1.17 22.16 28.10
C LYS C 382 -0.29 22.14 27.65
N LYS C 383 -0.57 22.02 26.36
CA LYS C 383 -1.96 22.15 25.86
C LYS C 383 -2.84 21.08 26.50
N PHE C 384 -2.29 19.96 26.97
CA PHE C 384 -3.04 18.74 27.38
C PHE C 384 -2.65 18.30 28.79
N ASN C 385 -1.94 19.14 29.54
CA ASN C 385 -1.53 18.89 30.94
C ASN C 385 -0.97 17.47 31.03
N LYS C 386 -0.01 17.12 30.17
CA LYS C 386 0.74 15.83 30.24
C LYS C 386 2.23 16.15 30.17
N SER C 387 3.07 15.18 30.53
CA SER C 387 4.55 15.30 30.42
C SER C 387 4.96 15.35 28.95
N GLU C 388 6.17 15.81 28.62
CA GLU C 388 6.68 15.75 27.23
C GLU C 388 6.87 14.28 26.85
N GLN C 389 7.40 13.48 27.78
CA GLN C 389 7.64 12.03 27.56
C GLN C 389 6.31 11.35 27.20
N TYR C 390 5.26 11.65 27.94
CA TYR C 390 3.91 11.06 27.75
C TYR C 390 3.44 11.33 26.32
N ILE C 391 3.64 12.55 25.84
CA ILE C 391 3.14 12.98 24.50
C ILE C 391 3.78 12.07 23.45
N GLY C 392 5.09 11.89 23.57
CA GLY C 392 5.85 11.01 22.66
C GLY C 392 5.24 9.61 22.61
N GLU C 393 4.82 9.08 23.76
CA GLU C 393 4.45 7.66 23.94
C GLU C 393 2.98 7.42 23.59
N ASN C 394 2.10 8.44 23.62
CA ASN C 394 0.63 8.22 23.62
C ASN C 394 -0.11 8.95 22.51
N ILE C 395 0.44 10.00 21.94
CA ILE C 395 -0.32 10.82 20.97
C ILE C 395 -0.16 10.23 19.59
N LEU C 396 -1.24 10.16 18.82
CA LEU C 396 -1.16 9.89 17.37
C LEU C 396 -2.15 10.77 16.62
N VAL C 397 -1.93 10.91 15.32
CA VAL C 397 -2.84 11.60 14.38
C VAL C 397 -3.10 10.66 13.22
N LEU C 398 -4.34 10.61 12.77
CA LEU C 398 -4.82 9.74 11.68
C LEU C 398 -5.57 10.62 10.66
N ASP C 399 -5.12 10.64 9.42
CA ASP C 399 -5.80 11.34 8.30
C ASP C 399 -6.28 10.29 7.29
N ILE C 400 -7.57 10.19 7.12
CA ILE C 400 -8.18 9.27 6.13
C ILE C 400 -8.80 10.15 5.07
N PHE C 401 -8.49 9.90 3.82
CA PHE C 401 -8.90 10.78 2.69
C PHE C 401 -8.77 10.04 1.37
N PHE C 402 -9.42 10.54 0.33
CA PHE C 402 -9.41 9.91 -1.01
C PHE C 402 -8.43 10.67 -1.89
N GLU C 403 -7.68 9.93 -2.70
CA GLU C 403 -6.70 10.46 -3.68
C GLU C 403 -7.46 11.30 -4.72
N VAL C 404 -8.56 10.78 -5.25
CA VAL C 404 -9.26 11.29 -6.47
C VAL C 404 -10.74 10.87 -6.45
N LEU C 405 -11.63 11.82 -6.79
CA LEU C 405 -13.10 11.62 -6.98
C LEU C 405 -13.32 10.61 -8.11
N ASN C 406 -13.01 9.36 -7.78
CA ASN C 406 -13.06 8.23 -8.73
C ASN C 406 -13.18 6.94 -7.91
N TYR C 407 -14.03 6.05 -8.44
CA TYR C 407 -14.16 4.64 -8.02
C TYR C 407 -13.93 3.76 -9.25
N GLU C 408 -13.15 2.69 -9.07
CA GLU C 408 -13.03 1.54 -10.00
C GLU C 408 -14.33 0.75 -9.83
N THR C 409 -14.96 0.32 -10.92
CA THR C 409 -16.04 -0.71 -10.86
C THR C 409 -15.57 -1.96 -11.58
N ILE C 410 -15.88 -3.13 -11.02
CA ILE C 410 -15.63 -4.44 -11.69
C ILE C 410 -16.92 -5.27 -11.62
N GLU C 411 -17.73 -5.16 -12.68
CA GLU C 411 -19.08 -5.78 -12.80
C GLU C 411 -18.99 -7.01 -13.70
N GLN C 412 -19.40 -8.17 -13.17
CA GLN C 412 -19.70 -9.40 -13.96
C GLN C 412 -21.06 -9.15 -14.63
N LYS C 413 -21.14 -9.38 -15.94
CA LYS C 413 -22.39 -9.28 -16.75
C LYS C 413 -22.64 -10.64 -17.39
N LYS C 414 -23.92 -11.01 -17.53
CA LYS C 414 -24.33 -12.25 -18.26
C LYS C 414 -23.73 -12.19 -19.67
N ALA C 415 -23.07 -13.27 -20.09
CA ALA C 415 -22.36 -13.36 -21.38
C ALA C 415 -23.36 -13.32 -22.54
N TYR C 416 -24.34 -14.23 -22.49
CA TYR C 416 -25.34 -14.48 -23.54
C TYR C 416 -26.72 -14.54 -22.87
N GLU C 417 -27.47 -13.43 -22.91
CA GLU C 417 -28.81 -13.28 -22.29
C GLU C 417 -29.78 -14.29 -22.93
N ILE C 418 -30.84 -14.68 -22.20
CA ILE C 418 -31.87 -15.65 -22.70
C ILE C 418 -32.72 -14.99 -23.80
N ALA C 419 -33.01 -13.69 -23.66
CA ALA C 419 -33.72 -12.85 -24.65
C ALA C 419 -33.00 -12.92 -26.01
N GLY C 420 -31.70 -12.63 -26.02
CA GLY C 420 -30.86 -12.63 -27.23
C GLY C 420 -30.68 -14.01 -27.85
N LEU C 421 -31.00 -15.11 -27.13
CA LEU C 421 -31.01 -16.50 -27.68
C LEU C 421 -32.24 -16.71 -28.57
N LEU C 422 -33.41 -16.24 -28.13
CA LEU C 422 -34.69 -16.34 -28.88
C LEU C 422 -34.70 -15.31 -30.03
N GLY C 423 -33.81 -14.31 -30.01
CA GLY C 423 -33.59 -13.33 -31.08
C GLY C 423 -32.60 -13.81 -32.15
N ASP C 424 -31.89 -14.92 -31.88
CA ASP C 424 -31.08 -15.66 -32.90
C ASP C 424 -31.93 -16.83 -33.43
N ILE C 425 -32.53 -17.63 -32.52
CA ILE C 425 -33.42 -18.79 -32.85
C ILE C 425 -34.63 -18.32 -33.67
N GLY C 426 -35.10 -17.07 -33.47
CA GLY C 426 -36.18 -16.45 -34.25
C GLY C 426 -35.75 -16.17 -35.70
N GLY C 427 -34.49 -15.77 -35.88
CA GLY C 427 -33.85 -15.46 -37.18
C GLY C 427 -33.29 -16.69 -37.88
N GLN C 428 -32.96 -17.73 -37.11
CA GLN C 428 -32.60 -19.09 -37.61
C GLN C 428 -33.87 -19.79 -38.14
N MET C 429 -34.99 -19.65 -37.43
CA MET C 429 -36.31 -20.26 -37.76
C MET C 429 -36.95 -19.54 -38.95
N GLY C 430 -36.55 -18.29 -39.24
CA GLY C 430 -37.24 -17.40 -40.21
C GLY C 430 -36.76 -17.57 -41.65
N LEU C 431 -35.55 -18.12 -41.87
CA LEU C 431 -34.95 -18.29 -43.23
C LEU C 431 -35.00 -19.75 -43.73
N PHE C 432 -35.11 -20.75 -42.84
CA PHE C 432 -35.44 -22.14 -43.24
C PHE C 432 -36.93 -22.26 -43.57
N ILE C 433 -37.75 -21.39 -42.98
CA ILE C 433 -39.19 -21.16 -43.29
C ILE C 433 -39.30 -20.39 -44.62
N GLY C 434 -38.26 -19.63 -44.98
CA GLY C 434 -38.12 -18.92 -46.27
C GLY C 434 -37.50 -19.78 -47.35
N ALA C 435 -36.96 -20.98 -46.99
CA ALA C 435 -36.45 -22.03 -47.90
C ALA C 435 -37.57 -22.98 -48.38
N SER C 436 -38.66 -23.14 -47.62
CA SER C 436 -39.81 -24.03 -47.92
C SER C 436 -40.69 -23.48 -49.06
N ILE C 437 -40.91 -22.17 -49.10
CA ILE C 437 -41.58 -21.46 -50.24
C ILE C 437 -40.58 -21.47 -51.41
#